data_7N7Y
#
_entry.id   7N7Y
#
_cell.length_a   150.302
_cell.length_b   150.302
_cell.length_c   112.623
_cell.angle_alpha   90.000
_cell.angle_beta   90.000
_cell.angle_gamma   120.000
#
_symmetry.space_group_name_H-M   'P 63'
#
loop_
_entity.id
_entity.type
_entity.pdbx_description
1 polymer 'Uridylate-specific endoribonuclease'
2 non-polymer 'methyl 4-sulfamoylbenzoate'
3 water water
#
_entity_poly.entity_id   1
_entity_poly.type   'polypeptide(L)'
_entity_poly.pdbx_seq_one_letter_code
;GAMSLENVAFNVVNKGHFDGQQGEVPVSIINNTVYTKVDGVDVELFENKTTLPVNVAFELWAKRNIKPVPEVKILNNLGV
DIAANTVIWDYKRDAPAHISTIGVCSMTDIAKKPTETICAPLTVFFDGRVDGQVDLFRNARNGVLITEGSVKGLQPSVGP
KQASLNGVTLIGEAVKTQFNYYKKVDGVVQQLPETYFTQSRNLQEFKPRSQMEIDFLELAMDEFIERYKLEGYAFEHIVY
GDFSHSQLGGLHLLIGLAKRFKESPFELEDFIPMDSTVKNYFITDAQTGSSKCVCSVIDLLLDDFVEIIKSQDLSVVSKV
VKVTIDYTEISFMLWCKDGHVETFYPKLQ
;
_entity_poly.pdbx_strand_id   A,B
#
loop_
_chem_comp.id
_chem_comp.type
_chem_comp.name
_chem_comp.formula
RZG non-polymer 'methyl 4-sulfamoylbenzoate' 'C8 H9 N O4 S'
#
# COMPACT_ATOMS: atom_id res chain seq x y z
N ALA A 2 31.94 -2.41 19.62
CA ALA A 2 32.94 -1.41 19.96
C ALA A 2 32.61 -0.07 19.31
N MET A 3 31.66 0.65 19.89
CA MET A 3 31.38 2.02 19.49
C MET A 3 32.39 2.95 20.16
N SER A 4 32.87 3.94 19.41
CA SER A 4 33.85 4.85 19.97
C SER A 4 33.90 6.12 19.14
N LEU A 5 34.35 7.19 19.80
CA LEU A 5 34.57 8.46 19.12
C LEU A 5 35.53 8.29 17.94
N GLU A 6 36.66 7.63 18.18
CA GLU A 6 37.66 7.46 17.14
C GLU A 6 37.17 6.59 16.00
N ASN A 7 36.30 5.61 16.28
CA ASN A 7 35.73 4.81 15.22
C ASN A 7 34.72 5.60 14.40
N VAL A 8 33.89 6.39 15.07
CA VAL A 8 32.96 7.26 14.35
C VAL A 8 33.74 8.20 13.43
N ALA A 9 34.82 8.79 13.93
CA ALA A 9 35.63 9.68 13.11
C ALA A 9 36.31 8.94 11.97
N PHE A 10 36.74 7.70 12.21
CA PHE A 10 37.28 6.88 11.13
C PHE A 10 36.28 6.73 10.00
N ASN A 11 35.03 6.42 10.34
CA ASN A 11 34.01 6.22 9.32
C ASN A 11 33.76 7.52 8.55
N VAL A 12 33.70 8.65 9.26
CA VAL A 12 33.48 9.93 8.59
C VAL A 12 34.61 10.22 7.61
N VAL A 13 35.85 10.00 8.03
CA VAL A 13 37.00 10.33 7.19
C VAL A 13 37.03 9.43 5.95
N ASN A 14 36.75 8.14 6.12
CA ASN A 14 36.95 7.16 5.06
C ASN A 14 35.69 6.85 4.26
N LYS A 15 34.51 7.00 4.84
CA LYS A 15 33.27 6.64 4.17
C LYS A 15 32.29 7.80 4.05
N GLY A 16 32.66 9.01 4.47
CA GLY A 16 31.78 10.16 4.39
C GLY A 16 30.70 10.22 5.44
N HIS A 17 30.52 9.15 6.22
CA HIS A 17 29.51 9.07 7.28
C HIS A 17 29.73 7.76 8.02
N PHE A 18 28.92 7.47 9.04
CA PHE A 18 29.08 6.21 9.73
C PHE A 18 28.60 5.06 8.84
N ASP A 19 29.46 4.06 8.64
CA ASP A 19 29.18 2.94 7.76
C ASP A 19 29.51 1.60 8.42
N GLY A 20 29.59 1.58 9.75
CA GLY A 20 29.86 0.35 10.47
C GLY A 20 31.22 -0.28 10.22
N GLN A 21 32.19 0.50 9.76
CA GLN A 21 33.50 -0.02 9.39
C GLN A 21 34.43 -0.07 10.59
N GLN A 22 35.34 -1.05 10.56
CA GLN A 22 36.40 -1.15 11.55
C GLN A 22 37.45 -0.08 11.30
N GLY A 23 37.98 0.49 12.37
CA GLY A 23 39.04 1.47 12.22
C GLY A 23 38.97 2.55 13.27
N GLU A 24 40.07 3.28 13.39
CA GLU A 24 40.21 4.39 14.32
C GLU A 24 41.16 5.41 13.73
N VAL A 25 40.86 6.70 13.97
CA VAL A 25 41.78 7.79 13.65
C VAL A 25 41.91 8.67 14.90
N PRO A 26 43.05 9.34 15.11
CA PRO A 26 43.18 10.17 16.31
C PRO A 26 42.30 11.40 16.25
N VAL A 27 41.68 11.74 17.37
CA VAL A 27 40.70 12.81 17.46
C VAL A 27 41.08 13.73 18.61
N SER A 28 40.97 15.03 18.39
CA SER A 28 41.03 16.02 19.45
C SER A 28 39.72 16.78 19.50
N ILE A 29 39.21 17.00 20.71
CA ILE A 29 37.99 17.77 20.92
C ILE A 29 38.36 19.08 21.60
N ILE A 30 37.96 20.19 21.00
CA ILE A 30 38.13 21.50 21.58
C ILE A 30 36.94 22.35 21.12
N ASN A 31 36.59 23.40 21.87
N ASN A 31 36.62 23.31 21.98
CA ASN A 31 35.55 24.37 21.47
CA ASN A 31 35.30 23.49 22.59
C ASN A 31 34.42 23.87 20.56
C ASN A 31 34.24 22.57 22.02
N ASN A 32 33.45 23.12 21.11
CA ASN A 32 32.37 22.42 20.42
C ASN A 32 32.76 21.91 19.04
N THR A 33 34.02 21.55 18.83
CA THR A 33 34.48 21.14 17.51
C THR A 33 35.27 19.84 17.62
N VAL A 34 35.11 18.99 16.61
CA VAL A 34 35.85 17.73 16.51
C VAL A 34 36.88 17.87 15.41
N TYR A 35 38.14 17.60 15.75
CA TYR A 35 39.24 17.63 14.81
C TYR A 35 39.85 16.24 14.68
N THR A 36 40.57 16.05 13.57
CA THR A 36 41.35 14.84 13.38
C THR A 36 42.69 15.22 12.77
N LYS A 37 43.73 14.50 13.15
CA LYS A 37 45.07 14.76 12.64
C LYS A 37 45.20 14.18 11.25
N VAL A 38 45.58 15.02 10.29
CA VAL A 38 45.88 14.60 8.93
C VAL A 38 47.24 15.18 8.56
N ASP A 39 48.26 14.33 8.52
CA ASP A 39 49.62 14.73 8.13
C ASP A 39 50.11 15.91 8.96
N GLY A 40 50.03 15.75 10.29
CA GLY A 40 50.63 16.68 11.21
C GLY A 40 49.74 17.82 11.69
N VAL A 41 48.68 18.15 10.95
CA VAL A 41 47.83 19.28 11.30
C VAL A 41 46.41 18.81 11.57
N ASP A 42 45.69 19.62 12.34
CA ASP A 42 44.32 19.32 12.74
C ASP A 42 43.34 19.81 11.68
N VAL A 43 42.43 18.94 11.27
CA VAL A 43 41.39 19.27 10.30
C VAL A 43 40.03 19.15 10.98
N GLU A 44 39.17 20.15 10.77
CA GLU A 44 37.85 20.16 11.37
C GLU A 44 36.94 19.13 10.71
N LEU A 45 36.39 18.23 11.50
CA LEU A 45 35.41 17.27 11.03
C LEU A 45 33.96 17.67 11.30
N PHE A 46 33.71 18.40 12.39
CA PHE A 46 32.33 18.65 12.82
C PHE A 46 32.33 19.79 13.84
N GLU A 47 31.42 20.74 13.64
CA GLU A 47 31.16 21.80 14.62
C GLU A 47 29.79 21.56 15.23
N ASN A 48 29.76 21.43 16.56
CA ASN A 48 28.51 21.15 17.27
C ASN A 48 27.65 22.41 17.32
N LYS A 49 26.54 22.40 16.59
CA LYS A 49 25.55 23.47 16.68
C LYS A 49 24.37 23.08 17.55
N THR A 50 24.45 21.94 18.23
CA THR A 50 23.34 21.42 19.01
C THR A 50 23.53 21.73 20.49
N THR A 51 22.50 21.40 21.27
CA THR A 51 22.56 21.50 22.72
C THR A 51 23.02 20.20 23.37
N LEU A 52 23.43 19.23 22.57
CA LEU A 52 24.02 17.98 23.07
C LEU A 52 25.52 18.14 23.22
N PRO A 53 26.15 17.29 24.03
CA PRO A 53 27.62 17.31 24.09
C PRO A 53 28.23 17.10 22.71
N VAL A 54 29.43 17.66 22.52
CA VAL A 54 30.02 17.74 21.19
C VAL A 54 30.24 16.35 20.60
N ASN A 55 30.75 15.41 21.40
CA ASN A 55 31.01 14.07 20.88
C ASN A 55 29.72 13.31 20.63
N VAL A 56 28.68 13.58 21.42
CA VAL A 56 27.40 12.93 21.21
C VAL A 56 26.78 13.38 19.89
N ALA A 57 26.70 14.70 19.67
CA ALA A 57 26.14 15.23 18.43
C ALA A 57 26.94 14.76 17.22
N PHE A 58 28.27 14.66 17.37
CA PHE A 58 29.11 14.16 16.29
C PHE A 58 28.66 12.76 15.85
N GLU A 59 28.42 11.89 16.81
CA GLU A 59 27.99 10.53 16.50
C GLU A 59 26.61 10.52 15.84
N LEU A 60 25.67 11.30 16.38
CA LEU A 60 24.33 11.33 15.81
C LEU A 60 24.35 11.88 14.39
N TRP A 61 25.15 12.92 14.15
CA TRP A 61 25.28 13.44 12.79
C TRP A 61 25.90 12.40 11.87
N ALA A 62 26.94 11.69 12.34
CA ALA A 62 27.55 10.66 11.52
C ALA A 62 26.57 9.54 11.20
N LYS A 63 25.65 9.24 12.12
CA LYS A 63 24.68 8.17 11.91
C LYS A 63 23.37 8.66 11.33
N ARG A 64 23.37 9.87 10.75
CA ARG A 64 22.17 10.43 10.14
C ARG A 64 21.69 9.56 8.99
N ASN A 65 20.38 9.58 8.76
CA ASN A 65 19.82 8.85 7.64
C ASN A 65 20.21 9.51 6.32
N ILE A 66 20.82 8.72 5.43
CA ILE A 66 21.29 9.22 4.15
C ILE A 66 20.41 8.75 3.00
N LYS A 67 19.25 8.18 3.29
CA LYS A 67 18.22 7.93 2.30
C LYS A 67 17.23 9.07 2.28
N PRO A 68 16.44 9.22 1.21
CA PRO A 68 15.40 10.26 1.22
C PRO A 68 14.42 10.01 2.36
N VAL A 69 14.24 11.01 3.19
CA VAL A 69 13.40 10.90 4.37
C VAL A 69 12.39 12.04 4.36
N PRO A 70 11.27 11.88 5.07
CA PRO A 70 10.30 12.98 5.17
C PRO A 70 10.94 14.24 5.74
N GLU A 71 10.47 15.39 5.26
CA GLU A 71 10.92 16.65 5.83
C GLU A 71 10.45 16.77 7.27
N VAL A 72 11.26 17.45 8.10
CA VAL A 72 11.02 17.47 9.53
C VAL A 72 9.64 18.02 9.86
N LYS A 73 9.16 19.00 9.08
CA LYS A 73 7.83 19.54 9.35
C LYS A 73 6.74 18.48 9.22
N ILE A 74 6.91 17.52 8.31
CA ILE A 74 5.93 16.44 8.16
C ILE A 74 5.94 15.57 9.42
N LEU A 75 7.12 15.13 9.84
CA LEU A 75 7.23 14.30 11.03
C LEU A 75 6.74 15.04 12.26
N ASN A 76 6.98 16.35 12.32
CA ASN A 76 6.47 17.16 13.44
C ASN A 76 4.96 17.21 13.42
N ASN A 77 4.38 17.46 12.24
CA ASN A 77 2.93 17.57 12.14
C ASN A 77 2.24 16.26 12.45
N LEU A 78 2.92 15.14 12.23
CA LEU A 78 2.36 13.83 12.54
C LEU A 78 2.65 13.39 13.98
N GLY A 79 3.30 14.24 14.77
CA GLY A 79 3.51 13.93 16.17
C GLY A 79 4.62 12.94 16.46
N VAL A 80 5.62 12.86 15.60
CA VAL A 80 6.72 11.91 15.79
C VAL A 80 7.63 12.41 16.91
N ASP A 81 7.94 11.52 17.85
CA ASP A 81 8.82 11.84 18.97
C ASP A 81 10.21 11.25 18.81
N ILE A 82 10.34 10.15 18.07
CA ILE A 82 11.59 9.38 18.06
C ILE A 82 11.59 8.51 16.82
N ALA A 83 12.78 8.14 16.37
CA ALA A 83 12.94 7.31 15.18
C ALA A 83 13.48 5.94 15.59
N ALA A 84 13.03 4.92 14.85
CA ALA A 84 13.41 3.53 15.10
C ALA A 84 14.73 3.24 14.38
N ASN A 85 15.82 3.21 15.15
CA ASN A 85 17.11 2.68 14.67
C ASN A 85 17.67 3.50 13.52
N THR A 86 17.59 4.81 13.65
CA THR A 86 18.17 5.75 12.70
C THR A 86 18.09 7.14 13.33
N VAL A 87 18.77 8.09 12.70
CA VAL A 87 18.74 9.49 13.11
C VAL A 87 18.20 10.31 11.94
N ILE A 88 17.08 11.00 12.16
CA ILE A 88 16.62 12.02 11.22
C ILE A 88 17.34 13.32 11.57
N TRP A 89 18.26 13.75 10.70
CA TRP A 89 19.01 14.97 10.93
C TRP A 89 18.22 16.17 10.42
N ASP A 90 18.04 17.16 11.29
CA ASP A 90 17.35 18.41 10.94
C ASP A 90 18.41 19.37 10.39
N TYR A 91 18.51 19.45 9.06
CA TYR A 91 19.51 20.30 8.45
C TYR A 91 19.21 21.78 8.61
N LYS A 92 17.96 22.15 8.87
CA LYS A 92 17.64 23.55 9.12
C LYS A 92 18.06 24.00 10.51
N ARG A 93 18.20 23.07 11.46
CA ARG A 93 18.67 23.39 12.80
C ARG A 93 20.08 22.88 13.06
N ASP A 94 20.69 22.17 12.11
CA ASP A 94 21.99 21.52 12.31
C ASP A 94 21.98 20.73 13.62
N ALA A 95 20.96 19.89 13.78
CA ALA A 95 20.73 19.19 15.05
C ALA A 95 19.87 17.97 14.76
N PRO A 96 19.85 16.98 15.67
CA PRO A 96 18.94 15.86 15.50
C PRO A 96 17.49 16.32 15.59
N ALA A 97 16.64 15.75 14.72
CA ALA A 97 15.24 16.13 14.74
C ALA A 97 14.55 15.70 16.03
N HIS A 98 15.13 14.74 16.75
CA HIS A 98 14.50 14.18 17.93
C HIS A 98 15.51 14.08 19.07
N ILE A 99 15.02 14.27 20.30
CA ILE A 99 15.91 14.33 21.46
C ILE A 99 16.60 12.99 21.67
N SER A 100 15.84 11.90 21.63
CA SER A 100 16.33 10.58 21.99
C SER A 100 16.42 9.69 20.76
N THR A 101 17.05 8.53 20.96
CA THR A 101 17.25 7.56 19.90
C THR A 101 16.89 6.17 20.40
N ILE A 102 16.79 5.24 19.45
CA ILE A 102 16.50 3.83 19.74
C ILE A 102 17.55 3.02 18.99
N GLY A 103 18.46 2.40 19.73
CA GLY A 103 19.50 1.58 19.11
C GLY A 103 20.42 2.32 18.16
N VAL A 104 20.86 3.52 18.54
CA VAL A 104 21.73 4.34 17.71
C VAL A 104 22.99 4.75 18.46
N CYS A 105 22.84 5.34 19.63
CA CYS A 105 23.96 5.91 20.37
C CYS A 105 23.76 5.66 21.86
N SER A 106 24.80 5.15 22.51
CA SER A 106 24.66 4.75 23.91
C SER A 106 24.33 5.92 24.82
N MET A 107 24.69 7.15 24.42
CA MET A 107 24.41 8.30 25.27
C MET A 107 22.98 8.82 25.14
N THR A 108 22.36 8.67 23.97
CA THR A 108 21.00 9.15 23.74
C THR A 108 19.96 8.04 23.67
N ASP A 109 20.38 6.78 23.66
CA ASP A 109 19.43 5.68 23.54
C ASP A 109 18.57 5.56 24.79
N ILE A 110 17.24 5.52 24.59
CA ILE A 110 16.33 5.10 25.64
C ILE A 110 15.96 3.64 25.52
N ALA A 111 16.34 2.99 24.42
CA ALA A 111 16.06 1.59 24.17
C ALA A 111 16.95 1.11 23.04
N LYS A 112 17.13 -0.20 22.95
CA LYS A 112 17.86 -0.78 21.83
C LYS A 112 16.93 -1.12 20.67
N LYS A 113 15.70 -1.53 20.96
CA LYS A 113 14.70 -1.88 19.97
C LYS A 113 13.39 -1.19 20.29
N PRO A 114 12.62 -0.78 19.27
CA PRO A 114 11.35 -0.07 19.51
C PRO A 114 10.29 -0.92 20.20
N THR A 115 10.53 -2.20 20.42
CA THR A 115 9.57 -3.03 21.13
C THR A 115 9.65 -2.89 22.64
N GLU A 116 10.74 -2.31 23.15
CA GLU A 116 10.87 -2.11 24.59
C GLU A 116 9.77 -1.17 25.08
N THR A 117 9.25 -1.45 26.28
CA THR A 117 8.02 -0.79 26.73
C THR A 117 8.19 0.71 26.91
N ILE A 118 9.43 1.20 27.06
CA ILE A 118 9.64 2.64 27.16
C ILE A 118 9.19 3.34 25.88
N CYS A 119 9.22 2.63 24.75
CA CYS A 119 8.86 3.20 23.46
C CYS A 119 7.37 3.19 23.19
N ALA A 120 6.59 2.46 23.99
CA ALA A 120 5.16 2.30 23.70
C ALA A 120 4.40 3.63 23.70
N PRO A 121 4.55 4.52 24.69
CA PRO A 121 3.79 5.78 24.64
C PRO A 121 4.35 6.81 23.69
N LEU A 122 5.49 6.55 23.05
CA LEU A 122 6.10 7.48 22.11
C LEU A 122 5.73 7.10 20.68
N THR A 123 5.39 8.12 19.88
CA THR A 123 5.14 7.91 18.46
C THR A 123 6.47 7.66 17.74
N VAL A 124 6.71 6.42 17.34
CA VAL A 124 7.98 5.99 16.77
C VAL A 124 7.88 6.03 15.26
N PHE A 125 8.87 6.64 14.60
CA PHE A 125 8.90 6.68 13.15
C PHE A 125 9.51 5.39 12.62
N PHE A 126 8.79 4.71 11.73
CA PHE A 126 9.23 3.46 11.14
C PHE A 126 9.42 3.63 9.64
N ASP A 127 10.47 3.01 9.11
CA ASP A 127 10.82 3.10 7.70
C ASP A 127 10.59 1.73 7.06
N GLY A 128 9.51 1.62 6.27
CA GLY A 128 9.18 0.36 5.62
C GLY A 128 10.25 -0.13 4.67
N ARG A 129 11.15 0.75 4.23
CA ARG A 129 12.27 0.33 3.39
C ARG A 129 13.30 -0.48 4.15
N VAL A 130 13.21 -0.53 5.48
CA VAL A 130 14.12 -1.30 6.32
C VAL A 130 13.42 -2.60 6.70
N ASP A 131 14.13 -3.72 6.59
CA ASP A 131 13.57 -5.03 6.87
C ASP A 131 12.98 -5.09 8.28
N GLY A 132 11.73 -5.51 8.38
CA GLY A 132 11.10 -5.78 9.65
C GLY A 132 10.43 -4.61 10.30
N GLN A 133 10.53 -3.41 9.74
CA GLN A 133 9.98 -2.25 10.43
C GLN A 133 8.51 -2.02 10.14
N VAL A 134 7.97 -2.55 9.03
CA VAL A 134 6.53 -2.59 8.87
C VAL A 134 5.91 -3.44 9.96
N ASP A 135 6.52 -4.59 10.25
CA ASP A 135 6.03 -5.44 11.34
C ASP A 135 6.14 -4.74 12.68
N LEU A 136 7.25 -4.02 12.90
CA LEU A 136 7.42 -3.30 14.15
C LEU A 136 6.36 -2.21 14.31
N PHE A 137 5.92 -1.63 13.19
CA PHE A 137 4.83 -0.67 13.24
C PHE A 137 3.53 -1.33 13.66
N ARG A 138 3.24 -2.51 13.09
CA ARG A 138 2.03 -3.24 13.46
C ARG A 138 1.99 -3.52 14.96
N ASN A 139 3.14 -3.81 15.54
CA ASN A 139 3.22 -4.17 16.96
C ASN A 139 3.39 -2.97 17.88
N ALA A 140 3.60 -1.77 17.33
CA ALA A 140 3.85 -0.60 18.15
C ALA A 140 2.54 0.02 18.63
N ARG A 141 2.54 0.53 19.86
CA ARG A 141 1.37 1.23 20.36
C ARG A 141 1.16 2.55 19.62
N ASN A 142 2.23 3.31 19.40
CA ASN A 142 2.17 4.58 18.68
C ASN A 142 3.27 4.61 17.65
N GLY A 143 2.98 5.18 16.50
CA GLY A 143 4.00 5.21 15.46
C GLY A 143 3.51 5.87 14.20
N VAL A 144 4.48 6.21 13.35
CA VAL A 144 4.25 6.70 12.01
C VAL A 144 5.11 5.88 11.07
N LEU A 145 4.51 5.36 10.01
CA LEU A 145 5.19 4.47 9.08
C LEU A 145 5.18 5.08 7.69
N ILE A 146 6.31 5.00 6.99
CA ILE A 146 6.39 5.32 5.57
C ILE A 146 6.77 4.06 4.82
N THR A 147 6.17 3.89 3.64
CA THR A 147 6.49 2.77 2.76
C THR A 147 6.54 3.28 1.33
N GLU A 148 7.20 2.50 0.47
CA GLU A 148 7.21 2.80 -0.96
C GLU A 148 6.10 2.10 -1.71
N GLY A 149 5.35 1.22 -1.05
CA GLY A 149 4.30 0.51 -1.72
C GLY A 149 3.21 0.08 -0.77
N SER A 150 2.39 -0.85 -1.26
CA SER A 150 1.19 -1.26 -0.55
C SER A 150 1.54 -2.14 0.66
N VAL A 151 0.89 -1.88 1.79
CA VAL A 151 0.93 -2.75 2.96
C VAL A 151 -0.44 -3.37 3.11
N LYS A 152 -0.50 -4.70 3.13
CA LYS A 152 -1.77 -5.39 3.05
C LYS A 152 -2.69 -5.01 4.21
N GLY A 153 -3.89 -4.54 3.87
CA GLY A 153 -4.88 -4.18 4.85
C GLY A 153 -4.79 -2.76 5.37
N LEU A 154 -3.62 -2.13 5.28
CA LEU A 154 -3.41 -0.79 5.81
C LEU A 154 -3.84 0.24 4.77
N GLN A 155 -4.85 1.04 5.10
CA GLN A 155 -5.28 2.11 4.21
C GLN A 155 -4.22 3.20 4.14
N PRO A 156 -3.64 3.46 2.97
CA PRO A 156 -2.52 4.41 2.88
C PRO A 156 -2.97 5.86 2.78
N SER A 157 -2.05 6.74 3.16
CA SER A 157 -2.15 8.16 2.84
C SER A 157 -0.97 8.52 1.93
N VAL A 158 -1.27 9.08 0.78
CA VAL A 158 -0.22 9.46 -0.17
C VAL A 158 0.45 10.72 0.32
N GLY A 159 1.76 10.66 0.53
CA GLY A 159 2.51 11.77 1.08
C GLY A 159 2.91 12.78 0.02
N PRO A 160 3.70 13.77 0.42
CA PRO A 160 4.15 14.77 -0.56
C PRO A 160 5.09 14.16 -1.58
N LYS A 161 5.15 14.80 -2.75
CA LYS A 161 6.03 14.34 -3.81
C LYS A 161 7.49 14.37 -3.39
N GLN A 162 7.87 15.34 -2.55
CA GLN A 162 9.27 15.63 -2.24
C GLN A 162 9.68 15.02 -0.90
N ALA A 163 10.98 14.74 -0.78
CA ALA A 163 11.59 14.32 0.48
C ALA A 163 12.93 15.01 0.62
N SER A 164 13.59 14.79 1.77
CA SER A 164 14.88 15.40 2.06
C SER A 164 15.96 14.33 1.92
N LEU A 165 16.95 14.60 1.08
CA LEU A 165 18.10 13.71 0.88
C LEU A 165 19.36 14.48 1.25
N ASN A 166 19.91 14.18 2.43
CA ASN A 166 21.12 14.84 2.93
C ASN A 166 20.96 16.36 2.97
N GLY A 167 19.79 16.82 3.42
CA GLY A 167 19.52 18.23 3.49
C GLY A 167 18.99 18.84 2.22
N VAL A 168 18.99 18.11 1.11
CA VAL A 168 18.46 18.60 -0.16
C VAL A 168 17.03 18.12 -0.32
N THR A 169 16.10 19.06 -0.45
CA THR A 169 14.70 18.74 -0.68
C THR A 169 14.47 18.60 -2.18
N LEU A 170 13.96 17.46 -2.60
CA LEU A 170 13.87 17.16 -4.02
C LEU A 170 12.73 16.19 -4.28
N ILE A 171 12.24 16.22 -5.51
CA ILE A 171 11.34 15.19 -6.01
C ILE A 171 12.19 14.16 -6.74
N GLY A 172 12.19 12.93 -6.25
CA GLY A 172 13.16 11.95 -6.68
C GLY A 172 12.91 11.46 -8.09
N GLU A 173 13.99 11.31 -8.85
CA GLU A 173 13.99 10.68 -10.16
C GLU A 173 14.78 9.38 -10.18
N ALA A 174 16.03 9.40 -9.70
CA ALA A 174 16.79 8.18 -9.52
C ALA A 174 16.43 7.45 -8.23
N VAL A 175 15.66 8.09 -7.35
CA VAL A 175 15.19 7.49 -6.11
C VAL A 175 13.73 7.90 -5.93
N LYS A 176 13.01 7.13 -5.12
CA LYS A 176 11.64 7.47 -4.80
C LYS A 176 11.60 8.35 -3.56
N THR A 177 10.83 9.43 -3.63
CA THR A 177 10.66 10.34 -2.50
C THR A 177 9.19 10.50 -2.10
N GLN A 178 8.25 9.92 -2.83
CA GLN A 178 6.85 9.93 -2.44
C GLN A 178 6.54 8.64 -1.70
N PHE A 179 6.04 8.77 -0.47
CA PHE A 179 5.79 7.63 0.39
C PHE A 179 4.31 7.51 0.71
N ASN A 180 3.90 6.29 1.04
CA ASN A 180 2.65 6.08 1.76
C ASN A 180 2.88 6.38 3.23
N TYR A 181 1.92 7.05 3.86
CA TYR A 181 2.03 7.39 5.27
C TYR A 181 0.97 6.65 6.07
N TYR A 182 1.36 6.18 7.24
CA TYR A 182 0.46 5.51 8.16
C TYR A 182 0.76 6.01 9.57
N LYS A 183 -0.27 6.00 10.42
CA LYS A 183 -0.14 6.52 11.77
C LYS A 183 -0.99 5.69 12.72
N LYS A 184 -0.45 5.45 13.92
CA LYS A 184 -1.14 4.71 14.96
C LYS A 184 -1.12 5.50 16.25
N VAL A 185 -2.28 5.58 16.92
CA VAL A 185 -2.40 6.20 18.23
C VAL A 185 -3.07 5.20 19.17
N ASP A 186 -2.40 4.88 20.27
CA ASP A 186 -2.90 3.96 21.28
C ASP A 186 -3.34 2.63 20.64
N GLY A 187 -2.41 2.03 19.90
CA GLY A 187 -2.64 0.75 19.28
C GLY A 187 -3.62 0.73 18.14
N VAL A 188 -4.26 1.86 17.83
CA VAL A 188 -5.32 1.93 16.83
C VAL A 188 -4.82 2.74 15.65
N VAL A 189 -4.87 2.14 14.45
CA VAL A 189 -4.50 2.86 13.24
C VAL A 189 -5.44 4.05 13.05
N GLN A 190 -4.88 5.20 12.71
CA GLN A 190 -5.66 6.42 12.52
C GLN A 190 -5.80 6.75 11.04
N GLN A 191 -6.99 7.21 10.67
CA GLN A 191 -7.26 7.74 9.34
C GLN A 191 -6.57 9.10 9.20
N LEU A 192 -5.59 9.19 8.28
CA LEU A 192 -4.96 10.49 8.08
C LEU A 192 -5.86 11.39 7.24
N PRO A 193 -5.92 12.68 7.56
CA PRO A 193 -6.87 13.57 6.88
C PRO A 193 -6.43 13.88 5.45
N GLU A 194 -7.42 14.22 4.62
CA GLU A 194 -7.13 14.81 3.33
C GLU A 194 -6.38 16.12 3.54
N THR A 195 -5.35 16.35 2.74
CA THR A 195 -4.46 17.47 3.00
C THR A 195 -3.87 18.01 1.71
N TYR A 196 -3.54 19.30 1.73
CA TYR A 196 -2.59 19.85 0.79
C TYR A 196 -1.18 19.64 1.33
N PHE A 197 -0.19 19.87 0.47
CA PHE A 197 1.21 19.80 0.86
C PHE A 197 1.91 21.07 0.43
N THR A 198 2.76 21.60 1.31
CA THR A 198 3.61 22.72 0.93
C THR A 198 4.69 22.25 -0.04
N GLN A 199 5.20 23.18 -0.84
CA GLN A 199 6.08 22.84 -1.95
C GLN A 199 7.56 22.88 -1.59
N SER A 200 7.93 23.47 -0.45
CA SER A 200 9.29 23.38 0.09
C SER A 200 10.33 24.04 -0.80
N ARG A 201 9.96 25.11 -1.50
CA ARG A 201 10.89 25.79 -2.40
C ARG A 201 11.62 26.92 -1.67
N ASN A 202 12.60 27.50 -2.36
CA ASN A 202 13.40 28.59 -1.84
C ASN A 202 13.04 29.90 -2.52
N LEU A 203 13.46 31.00 -1.91
CA LEU A 203 13.31 32.30 -2.55
C LEU A 203 14.38 32.53 -3.61
N GLN A 204 15.59 32.00 -3.40
CA GLN A 204 16.68 32.20 -4.34
C GLN A 204 16.41 31.47 -5.66
N GLU A 205 15.97 30.22 -5.57
CA GLU A 205 15.88 29.32 -6.71
C GLU A 205 14.45 28.82 -6.91
N PHE A 206 13.49 29.72 -6.75
CA PHE A 206 12.08 29.36 -6.91
C PHE A 206 11.79 29.04 -8.37
N LYS A 207 11.03 27.97 -8.58
CA LYS A 207 10.68 27.53 -9.93
C LYS A 207 9.20 27.16 -9.97
N PRO A 208 8.45 27.65 -10.95
CA PRO A 208 7.02 27.35 -11.00
C PRO A 208 6.77 25.88 -11.33
N ARG A 209 5.59 25.41 -10.95
CA ARG A 209 5.25 24.01 -11.13
C ARG A 209 3.85 23.84 -11.71
N SER A 210 3.40 24.79 -12.50
CA SER A 210 2.11 24.72 -13.19
C SER A 210 2.00 25.90 -14.15
N GLN A 211 1.03 25.80 -15.06
CA GLN A 211 0.80 26.90 -15.99
C GLN A 211 0.39 28.16 -15.25
N MET A 212 -0.40 28.02 -14.19
CA MET A 212 -0.85 29.18 -13.43
C MET A 212 0.32 29.89 -12.76
N GLU A 213 1.28 29.12 -12.24
CA GLU A 213 2.45 29.74 -11.61
C GLU A 213 3.35 30.38 -12.65
N ILE A 214 3.53 29.74 -13.81
CA ILE A 214 4.27 30.37 -14.90
C ILE A 214 3.60 31.68 -15.29
N ASP A 215 2.27 31.70 -15.31
CA ASP A 215 1.55 32.94 -15.60
C ASP A 215 1.79 34.00 -14.54
N PHE A 216 1.79 33.59 -13.27
CA PHE A 216 1.97 34.56 -12.18
C PHE A 216 3.33 35.24 -12.27
N LEU A 217 4.40 34.45 -12.47
CA LEU A 217 5.74 35.02 -12.51
C LEU A 217 5.95 35.90 -13.73
N GLU A 218 5.25 35.63 -14.82
CA GLU A 218 5.48 36.32 -16.08
C GLU A 218 4.54 37.49 -16.34
N LEU A 219 3.26 37.33 -16.04
CA LEU A 219 2.29 38.38 -16.30
C LEU A 219 2.37 39.48 -15.24
N ALA A 220 1.92 40.67 -15.64
CA ALA A 220 1.73 41.75 -14.68
C ALA A 220 0.53 41.43 -13.79
N MET A 221 0.41 42.17 -12.69
CA MET A 221 -0.59 41.86 -11.68
C MET A 221 -1.99 41.96 -12.24
N ASP A 222 -2.24 42.92 -13.14
CA ASP A 222 -3.59 43.16 -13.61
C ASP A 222 -4.07 42.07 -14.57
N GLU A 223 -3.21 41.68 -15.52
CA GLU A 223 -3.63 40.68 -16.50
C GLU A 223 -3.68 39.27 -15.92
N PHE A 224 -2.87 38.98 -14.89
CA PHE A 224 -2.99 37.68 -14.23
C PHE A 224 -4.30 37.58 -13.46
N ILE A 225 -4.63 38.61 -12.67
CA ILE A 225 -5.89 38.60 -11.93
C ILE A 225 -7.07 38.46 -12.88
N GLU A 226 -6.97 39.10 -14.06
CA GLU A 226 -8.05 38.99 -15.05
C GLU A 226 -8.12 37.59 -15.64
N ARG A 227 -6.97 37.04 -16.06
CA ARG A 227 -6.96 35.76 -16.74
C ARG A 227 -7.56 34.65 -15.86
N TYR A 228 -7.28 34.68 -14.56
CA TYR A 228 -7.74 33.64 -13.65
C TYR A 228 -8.91 34.08 -12.80
N LYS A 229 -9.64 35.12 -13.23
CA LYS A 229 -10.92 35.52 -12.63
C LYS A 229 -10.80 35.69 -11.11
N LEU A 230 -9.83 36.48 -10.69
CA LEU A 230 -9.51 36.64 -9.27
C LEU A 230 -9.94 37.99 -8.70
N GLU A 231 -10.76 38.74 -9.43
CA GLU A 231 -11.23 40.02 -8.93
C GLU A 231 -12.07 39.83 -7.67
N GLY A 232 -11.83 40.69 -6.68
CA GLY A 232 -12.51 40.59 -5.41
C GLY A 232 -11.90 39.64 -4.41
N TYR A 233 -10.78 39.00 -4.76
CA TYR A 233 -10.10 38.07 -3.86
C TYR A 233 -8.83 38.65 -3.26
N ALA A 234 -8.47 39.88 -3.64
CA ALA A 234 -7.43 40.65 -2.95
C ALA A 234 -6.06 39.99 -3.03
N PHE A 235 -5.72 39.44 -4.19
CA PHE A 235 -4.32 39.04 -4.39
C PHE A 235 -3.39 40.24 -4.42
N GLU A 236 -3.91 41.44 -4.73
CA GLU A 236 -3.09 42.65 -4.66
C GLU A 236 -2.46 42.80 -3.28
N HIS A 237 -3.22 42.47 -2.23
CA HIS A 237 -2.73 42.50 -0.86
C HIS A 237 -2.11 41.18 -0.44
N ILE A 238 -2.83 40.07 -0.64
CA ILE A 238 -2.44 38.81 -0.02
C ILE A 238 -1.17 38.26 -0.67
N VAL A 239 -1.15 38.17 -1.99
CA VAL A 239 -0.08 37.48 -2.70
C VAL A 239 0.98 38.44 -3.22
N TYR A 240 0.56 39.55 -3.83
CA TYR A 240 1.52 40.46 -4.46
C TYR A 240 2.21 41.34 -3.42
N GLY A 241 1.48 41.76 -2.39
CA GLY A 241 2.07 42.54 -1.31
C GLY A 241 1.90 44.03 -1.48
N ASP A 242 1.49 44.70 -0.40
CA ASP A 242 1.32 46.16 -0.38
C ASP A 242 2.55 46.77 0.28
N PHE A 243 3.34 47.51 -0.50
CA PHE A 243 4.56 48.14 -0.03
C PHE A 243 4.43 49.66 0.07
N SER A 244 3.20 50.17 0.08
CA SER A 244 3.00 51.62 0.05
C SER A 244 3.08 52.24 1.44
N HIS A 245 2.62 51.52 2.46
CA HIS A 245 2.61 52.03 3.83
C HIS A 245 3.83 51.52 4.59
N SER A 246 3.99 52.06 5.82
CA SER A 246 5.15 51.69 6.63
C SER A 246 5.09 50.23 7.04
N GLN A 247 3.91 49.74 7.41
CA GLN A 247 3.73 48.31 7.64
C GLN A 247 3.45 47.61 6.32
N LEU A 248 4.30 46.63 5.98
CA LEU A 248 4.11 45.87 4.76
C LEU A 248 2.79 45.10 4.83
N GLY A 249 2.01 45.17 3.75
CA GLY A 249 0.69 44.58 3.73
C GLY A 249 0.68 43.24 3.00
N GLY A 250 0.13 42.23 3.68
CA GLY A 250 -0.06 40.93 3.05
C GLY A 250 1.26 40.22 2.80
N LEU A 251 1.42 39.72 1.57
CA LEU A 251 2.62 39.04 1.11
C LEU A 251 2.85 37.74 1.89
N HIS A 252 1.91 36.80 1.71
CA HIS A 252 1.90 35.56 2.48
C HIS A 252 2.12 34.31 1.64
N LEU A 253 2.31 34.43 0.33
CA LEU A 253 2.63 33.30 -0.52
C LEU A 253 4.06 33.44 -1.03
N LEU A 254 4.81 32.35 -0.96
CA LEU A 254 6.22 32.38 -1.38
C LEU A 254 6.37 32.83 -2.82
N ILE A 255 5.44 32.43 -3.69
CA ILE A 255 5.53 32.83 -5.10
C ILE A 255 5.43 34.35 -5.23
N GLY A 256 4.68 35.00 -4.34
CA GLY A 256 4.63 36.45 -4.35
C GLY A 256 5.95 37.07 -3.94
N LEU A 257 6.59 36.52 -2.92
CA LEU A 257 7.93 36.96 -2.56
C LEU A 257 8.91 36.70 -3.68
N ALA A 258 8.72 35.60 -4.42
CA ALA A 258 9.63 35.27 -5.50
C ALA A 258 9.56 36.28 -6.64
N LYS A 259 8.34 36.70 -7.00
CA LYS A 259 8.18 37.71 -8.04
C LYS A 259 8.85 39.02 -7.65
N ARG A 260 8.60 39.49 -6.42
CA ARG A 260 9.18 40.74 -5.96
C ARG A 260 10.71 40.67 -5.92
N PHE A 261 11.25 39.49 -5.58
CA PHE A 261 12.69 39.37 -5.39
C PHE A 261 13.46 39.54 -6.69
N LYS A 262 12.86 39.15 -7.82
CA LYS A 262 13.49 39.34 -9.12
C LYS A 262 13.62 40.81 -9.51
N GLU A 263 12.92 41.70 -8.82
CA GLU A 263 12.92 43.13 -9.11
C GLU A 263 13.79 43.89 -8.11
N SER A 264 13.44 43.82 -6.83
CA SER A 264 14.19 44.41 -5.74
C SER A 264 14.36 43.39 -4.62
N PRO A 265 15.50 43.36 -3.95
CA PRO A 265 15.70 42.41 -2.87
C PRO A 265 15.01 42.87 -1.59
N PHE A 266 14.97 41.96 -0.61
CA PHE A 266 14.49 42.34 0.71
C PHE A 266 15.08 41.39 1.75
N GLU A 267 15.01 41.82 3.00
CA GLU A 267 15.61 41.11 4.12
C GLU A 267 14.55 40.28 4.83
N LEU A 268 14.91 39.04 5.18
CA LEU A 268 14.02 38.13 5.89
C LEU A 268 14.72 37.65 7.16
N GLU A 269 14.28 38.17 8.30
CA GLU A 269 14.82 37.77 9.60
C GLU A 269 14.06 36.52 10.05
N ASP A 270 14.71 35.36 9.90
CA ASP A 270 14.13 34.06 10.24
C ASP A 270 14.30 33.83 11.74
N PHE A 271 13.47 34.52 12.53
CA PHE A 271 13.72 34.59 13.96
C PHE A 271 13.31 33.32 14.72
N ILE A 272 12.64 32.38 14.07
CA ILE A 272 12.48 31.03 14.61
C ILE A 272 12.96 30.07 13.53
N PRO A 273 14.27 29.85 13.38
CA PRO A 273 14.83 29.08 12.24
C PRO A 273 14.66 27.56 12.38
N MET A 274 13.44 27.11 12.12
CA MET A 274 13.11 25.69 12.13
C MET A 274 12.23 25.38 10.93
N ASP A 275 12.16 24.11 10.58
CA ASP A 275 11.23 23.68 9.53
C ASP A 275 9.82 23.67 10.07
N SER A 276 8.92 24.37 9.40
CA SER A 276 7.51 24.35 9.79
C SER A 276 6.66 24.68 8.57
N THR A 277 5.41 24.22 8.60
CA THR A 277 4.51 24.41 7.46
C THR A 277 4.31 25.89 7.18
N VAL A 278 3.99 26.66 8.22
CA VAL A 278 3.90 28.11 8.12
C VAL A 278 5.16 28.71 8.73
N LYS A 279 5.85 29.55 7.95
CA LYS A 279 7.07 30.20 8.40
C LYS A 279 6.80 31.67 8.69
N ASN A 280 7.44 32.20 9.73
CA ASN A 280 7.32 33.59 10.12
C ASN A 280 8.66 34.30 9.91
N TYR A 281 8.61 35.51 9.35
CA TYR A 281 9.81 36.30 9.13
C TYR A 281 9.54 37.76 9.49
N PHE A 282 10.57 38.42 10.00
CA PHE A 282 10.60 39.87 10.11
C PHE A 282 11.17 40.37 8.79
N ILE A 283 10.33 40.97 7.96
CA ILE A 283 10.67 41.33 6.58
C ILE A 283 10.88 42.83 6.47
N THR A 284 11.92 43.22 5.72
CA THR A 284 12.20 44.62 5.41
C THR A 284 12.40 44.75 3.91
N ASP A 285 11.57 45.58 3.27
CA ASP A 285 11.67 45.79 1.83
C ASP A 285 12.79 46.80 1.57
N ALA A 286 13.79 46.38 0.79
CA ALA A 286 14.96 47.23 0.58
C ALA A 286 14.60 48.45 -0.26
N GLN A 287 13.67 48.31 -1.20
CA GLN A 287 13.36 49.41 -2.11
C GLN A 287 12.59 50.52 -1.38
N THR A 288 11.54 50.15 -0.66
CA THR A 288 10.60 51.14 -0.11
C THR A 288 10.77 51.41 1.37
N GLY A 289 11.39 50.49 2.11
CA GLY A 289 11.39 50.59 3.55
C GLY A 289 10.13 50.10 4.21
N SER A 290 9.19 49.55 3.45
CA SER A 290 8.03 48.89 4.06
C SER A 290 8.48 47.63 4.79
N SER A 291 7.94 47.42 5.98
CA SER A 291 8.39 46.30 6.80
C SER A 291 7.25 45.77 7.66
N LYS A 292 7.45 44.56 8.18
CA LYS A 292 6.48 43.92 9.07
C LYS A 292 7.23 42.97 10.00
N CYS A 293 6.90 43.04 11.30
CA CYS A 293 7.62 42.26 12.29
C CYS A 293 7.33 40.77 12.15
N VAL A 294 6.07 40.40 12.00
CA VAL A 294 5.67 39.01 11.89
C VAL A 294 4.90 38.86 10.58
N CYS A 295 5.60 38.42 9.54
CA CYS A 295 5.00 38.18 8.23
C CYS A 295 5.00 36.68 7.99
N SER A 296 3.84 36.05 8.15
CA SER A 296 3.72 34.62 7.92
C SER A 296 3.74 34.32 6.44
N VAL A 297 4.54 33.32 6.04
CA VAL A 297 4.69 32.93 4.65
C VAL A 297 4.48 31.42 4.54
N ILE A 298 3.77 31.00 3.51
CA ILE A 298 3.58 29.58 3.20
C ILE A 298 3.82 29.38 1.71
N ASP A 299 4.38 28.23 1.36
CA ASP A 299 4.62 27.89 -0.04
C ASP A 299 3.59 26.83 -0.46
N LEU A 300 2.41 27.31 -0.84
CA LEU A 300 1.42 26.47 -1.49
C LEU A 300 1.53 26.66 -3.00
N LEU A 301 1.30 25.58 -3.74
CA LEU A 301 1.11 25.71 -5.18
C LEU A 301 -0.01 26.70 -5.43
N LEU A 302 0.24 27.67 -6.31
CA LEU A 302 -0.70 28.77 -6.48
C LEU A 302 -2.07 28.24 -6.88
N ASP A 303 -2.11 27.16 -7.67
CA ASP A 303 -3.37 26.49 -8.00
C ASP A 303 -4.12 26.11 -6.73
N ASP A 304 -3.40 25.50 -5.77
CA ASP A 304 -4.04 25.10 -4.52
C ASP A 304 -4.54 26.32 -3.76
N PHE A 305 -3.71 27.35 -3.62
CA PHE A 305 -4.13 28.55 -2.89
C PHE A 305 -5.35 29.19 -3.51
N VAL A 306 -5.40 29.25 -4.84
CA VAL A 306 -6.60 29.77 -5.52
C VAL A 306 -7.80 28.90 -5.20
N GLU A 307 -7.61 27.57 -5.21
CA GLU A 307 -8.70 26.66 -4.89
C GLU A 307 -9.18 26.82 -3.45
N ILE A 308 -8.26 27.14 -2.53
CA ILE A 308 -8.64 27.33 -1.14
C ILE A 308 -9.42 28.63 -0.96
N ILE A 309 -8.90 29.74 -1.49
CA ILE A 309 -9.53 31.03 -1.23
C ILE A 309 -10.87 31.15 -1.95
N LYS A 310 -11.02 30.50 -3.10
CA LYS A 310 -12.30 30.52 -3.80
C LYS A 310 -13.33 29.59 -3.16
N SER A 311 -12.89 28.65 -2.34
CA SER A 311 -13.82 27.77 -1.63
C SER A 311 -14.58 28.48 -0.53
N GLN A 312 -14.26 29.75 -0.26
CA GLN A 312 -14.65 30.41 0.98
C GLN A 312 -15.94 31.18 0.83
N ASP A 313 -16.74 31.17 1.90
CA ASP A 313 -17.91 32.03 2.02
C ASP A 313 -17.45 33.45 2.30
N LEU A 314 -17.80 34.39 1.42
CA LEU A 314 -17.33 35.76 1.48
C LEU A 314 -18.34 36.70 2.13
N SER A 315 -19.23 36.19 2.97
CA SER A 315 -20.37 36.97 3.47
C SER A 315 -20.26 37.31 4.95
N VAL A 316 -19.12 37.05 5.59
CA VAL A 316 -18.91 37.41 6.98
C VAL A 316 -17.75 38.39 7.06
N VAL A 317 -17.77 39.23 8.09
CA VAL A 317 -16.70 40.23 8.26
C VAL A 317 -15.38 39.54 8.55
N SER A 318 -15.35 38.66 9.55
CA SER A 318 -14.13 37.95 9.91
C SER A 318 -14.49 36.57 10.42
N LYS A 319 -13.66 35.59 10.08
CA LYS A 319 -13.84 34.24 10.61
C LYS A 319 -12.54 33.47 10.46
N VAL A 320 -12.36 32.49 11.34
CA VAL A 320 -11.23 31.57 11.24
C VAL A 320 -11.54 30.52 10.19
N VAL A 321 -10.57 30.25 9.33
CA VAL A 321 -10.73 29.28 8.25
C VAL A 321 -9.67 28.19 8.44
N LYS A 322 -10.13 26.97 8.68
CA LYS A 322 -9.23 25.84 8.91
C LYS A 322 -8.93 25.14 7.58
N VAL A 323 -7.64 24.94 7.30
CA VAL A 323 -7.18 24.21 6.13
C VAL A 323 -6.16 23.19 6.57
N THR A 324 -6.28 21.96 6.05
CA THR A 324 -5.34 20.89 6.38
C THR A 324 -4.18 20.97 5.39
N ILE A 325 -2.99 21.28 5.89
CA ILE A 325 -1.79 21.38 5.10
C ILE A 325 -0.68 20.61 5.81
N ASP A 326 0.04 19.78 5.06
CA ASP A 326 1.11 18.96 5.62
C ASP A 326 0.61 18.14 6.81
N TYR A 327 -0.62 17.65 6.71
CA TYR A 327 -1.31 16.81 7.70
C TYR A 327 -1.72 17.56 8.96
N THR A 328 -1.38 18.84 9.09
CA THR A 328 -1.77 19.61 10.26
C THR A 328 -2.83 20.64 9.88
N GLU A 329 -3.64 21.02 10.87
CA GLU A 329 -4.70 21.98 10.66
C GLU A 329 -4.14 23.40 10.78
N ILE A 330 -4.21 24.16 9.69
CA ILE A 330 -3.66 25.52 9.63
C ILE A 330 -4.83 26.49 9.67
N SER A 331 -4.88 27.30 10.73
CA SER A 331 -5.92 28.32 10.85
C SER A 331 -5.54 29.56 10.06
N PHE A 332 -6.46 30.03 9.22
CA PHE A 332 -6.34 31.30 8.53
C PHE A 332 -7.33 32.31 9.11
N MET A 333 -7.07 33.58 8.85
CA MET A 333 -8.01 34.66 9.13
C MET A 333 -8.54 35.19 7.81
N LEU A 334 -9.86 35.22 7.67
CA LEU A 334 -10.50 35.70 6.45
C LEU A 334 -11.30 36.95 6.78
N TRP A 335 -10.89 38.07 6.20
CA TRP A 335 -11.55 39.36 6.39
C TRP A 335 -12.19 39.77 5.07
N CYS A 336 -13.50 40.02 5.09
CA CYS A 336 -14.26 40.32 3.89
C CYS A 336 -15.03 41.62 4.07
N LYS A 337 -15.53 42.14 2.95
CA LYS A 337 -16.36 43.35 2.94
C LYS A 337 -17.13 43.37 1.64
N ASP A 338 -18.46 43.46 1.74
CA ASP A 338 -19.34 43.59 0.57
C ASP A 338 -19.08 42.49 -0.46
N GLY A 339 -18.89 41.27 0.03
CA GLY A 339 -18.72 40.14 -0.86
C GLY A 339 -17.37 40.05 -1.55
N HIS A 340 -16.40 40.89 -1.16
CA HIS A 340 -15.05 40.80 -1.69
C HIS A 340 -14.08 40.61 -0.53
N VAL A 341 -12.97 39.94 -0.82
CA VAL A 341 -11.96 39.65 0.20
C VAL A 341 -11.16 40.91 0.49
N GLU A 342 -10.93 41.18 1.78
CA GLU A 342 -10.00 42.23 2.17
C GLU A 342 -8.61 41.65 2.42
N THR A 343 -8.49 40.72 3.37
CA THR A 343 -7.24 40.05 3.63
C THR A 343 -7.50 38.60 4.04
N PHE A 344 -6.51 37.75 3.77
CA PHE A 344 -6.59 36.33 4.07
C PHE A 344 -5.18 35.87 4.39
N TYR A 345 -4.90 35.58 5.66
CA TYR A 345 -3.53 35.32 6.09
C TYR A 345 -3.51 34.19 7.12
N PRO A 346 -2.39 33.49 7.24
CA PRO A 346 -2.24 32.52 8.34
C PRO A 346 -2.34 33.21 9.69
N LYS A 347 -3.28 32.74 10.50
CA LYS A 347 -3.60 33.41 11.76
C LYS A 347 -2.43 33.28 12.74
N LEU A 348 -1.85 34.41 13.13
CA LEU A 348 -0.78 34.41 14.12
C LEU A 348 -1.33 34.02 15.48
N GLN A 349 -0.68 33.04 16.11
CA GLN A 349 -1.17 32.47 17.36
C GLN A 349 -0.57 33.17 18.58
N ALA B 2 -1.33 -37.05 -35.15
CA ALA B 2 -2.64 -37.55 -35.57
C ALA B 2 -3.68 -37.36 -34.47
N MET B 3 -4.24 -36.15 -34.41
CA MET B 3 -5.18 -35.77 -33.36
C MET B 3 -6.60 -36.17 -33.79
N SER B 4 -7.30 -36.91 -32.93
CA SER B 4 -8.62 -37.41 -33.31
C SER B 4 -9.49 -37.68 -32.09
N LEU B 5 -10.81 -37.68 -32.32
CA LEU B 5 -11.77 -37.99 -31.27
C LEU B 5 -11.57 -39.39 -30.72
N GLU B 6 -11.43 -40.38 -31.62
CA GLU B 6 -11.30 -41.77 -31.17
C GLU B 6 -9.99 -42.02 -30.44
N ASN B 7 -8.94 -41.28 -30.77
CA ASN B 7 -7.68 -41.45 -30.05
C ASN B 7 -7.71 -40.77 -28.69
N VAL B 8 -8.36 -39.61 -28.59
CA VAL B 8 -8.57 -38.99 -27.28
C VAL B 8 -9.33 -39.93 -26.37
N ALA B 9 -10.38 -40.57 -26.89
CA ALA B 9 -11.15 -41.51 -26.09
C ALA B 9 -10.34 -42.74 -25.73
N PHE B 10 -9.48 -43.20 -26.64
CA PHE B 10 -8.58 -44.30 -26.32
C PHE B 10 -7.71 -43.93 -25.12
N ASN B 11 -7.14 -42.72 -25.12
CA ASN B 11 -6.28 -42.31 -24.03
C ASN B 11 -7.05 -42.23 -22.71
N VAL B 12 -8.28 -41.73 -22.76
CA VAL B 12 -9.08 -41.63 -21.55
C VAL B 12 -9.36 -43.02 -20.99
N VAL B 13 -9.80 -43.94 -21.84
CA VAL B 13 -10.16 -45.29 -21.39
C VAL B 13 -8.95 -46.02 -20.84
N ASN B 14 -7.79 -45.85 -21.47
CA ASN B 14 -6.63 -46.67 -21.13
C ASN B 14 -5.66 -46.00 -20.18
N LYS B 15 -5.56 -44.67 -20.20
CA LYS B 15 -4.60 -43.96 -19.36
C LYS B 15 -5.24 -43.00 -18.37
N GLY B 16 -6.58 -42.96 -18.29
CA GLY B 16 -7.27 -42.08 -17.37
C GLY B 16 -7.31 -40.62 -17.76
N HIS B 17 -6.61 -40.24 -18.83
CA HIS B 17 -6.57 -38.88 -19.35
C HIS B 17 -5.77 -38.93 -20.65
N PHE B 18 -5.59 -37.81 -21.33
CA PHE B 18 -4.79 -37.85 -22.54
C PHE B 18 -3.32 -37.99 -22.17
N ASP B 19 -2.65 -38.97 -22.79
CA ASP B 19 -1.26 -39.31 -22.47
C ASP B 19 -0.41 -39.45 -23.72
N GLY B 20 -0.85 -38.90 -24.85
CA GLY B 20 -0.11 -39.03 -26.10
C GLY B 20 0.01 -40.43 -26.65
N GLN B 21 -0.78 -41.38 -26.15
CA GLN B 21 -0.68 -42.75 -26.63
C GLN B 21 -1.40 -42.92 -27.96
N GLN B 22 -0.97 -43.92 -28.72
CA GLN B 22 -1.64 -44.24 -29.98
C GLN B 22 -2.68 -45.33 -29.77
N GLY B 23 -3.72 -45.29 -30.57
CA GLY B 23 -4.83 -46.23 -30.45
C GLY B 23 -6.15 -45.52 -30.66
N GLU B 24 -7.20 -46.32 -30.89
CA GLU B 24 -8.52 -45.79 -31.15
C GLU B 24 -9.55 -46.71 -30.50
N VAL B 25 -10.66 -46.13 -30.06
CA VAL B 25 -11.79 -46.90 -29.53
C VAL B 25 -13.06 -46.39 -30.20
N PRO B 26 -14.10 -47.20 -30.35
CA PRO B 26 -15.35 -46.70 -30.96
C PRO B 26 -16.00 -45.66 -30.07
N VAL B 27 -16.47 -44.59 -30.69
CA VAL B 27 -17.07 -43.46 -29.98
C VAL B 27 -18.40 -43.14 -30.64
N SER B 28 -19.41 -42.88 -29.82
CA SER B 28 -20.65 -42.30 -30.28
C SER B 28 -20.94 -41.05 -29.46
N ILE B 29 -21.47 -40.02 -30.11
CA ILE B 29 -21.78 -38.76 -29.47
C ILE B 29 -23.28 -38.54 -29.55
N ILE B 30 -23.93 -38.48 -28.37
CA ILE B 30 -25.34 -38.14 -28.26
C ILE B 30 -25.46 -37.02 -27.23
N ASN B 31 -26.61 -36.32 -27.21
N ASN B 31 -26.47 -36.18 -27.48
CA ASN B 31 -26.94 -35.32 -26.19
CA ASN B 31 -26.45 -34.73 -27.38
C ASN B 31 -25.84 -34.89 -25.21
C ASN B 31 -25.10 -34.18 -26.96
N ASN B 32 -24.96 -33.99 -25.66
CA ASN B 32 -23.76 -33.47 -24.99
C ASN B 32 -22.98 -34.54 -24.25
N THR B 33 -23.04 -35.79 -24.68
CA THR B 33 -22.39 -36.88 -23.96
C THR B 33 -21.57 -37.72 -24.92
N VAL B 34 -20.37 -38.08 -24.48
CA VAL B 34 -19.47 -38.93 -25.26
C VAL B 34 -19.52 -40.33 -24.66
N TYR B 35 -19.84 -41.31 -25.49
CA TYR B 35 -19.86 -42.71 -25.09
C TYR B 35 -18.79 -43.48 -25.84
N THR B 36 -18.42 -44.62 -25.28
CA THR B 36 -17.57 -45.59 -25.94
C THR B 36 -18.15 -46.98 -25.76
N LYS B 37 -17.93 -47.85 -26.74
CA LYS B 37 -18.45 -49.20 -26.70
C LYS B 37 -17.48 -50.11 -25.97
N VAL B 38 -17.97 -50.80 -24.95
CA VAL B 38 -17.20 -51.79 -24.22
C VAL B 38 -18.03 -53.08 -24.21
N ASP B 39 -17.61 -54.06 -25.02
CA ASP B 39 -18.29 -55.35 -25.12
C ASP B 39 -19.76 -55.17 -25.49
N GLY B 40 -20.00 -54.34 -26.50
CA GLY B 40 -21.32 -54.21 -27.08
C GLY B 40 -22.26 -53.22 -26.41
N VAL B 41 -21.90 -52.67 -25.25
CA VAL B 41 -22.74 -51.69 -24.57
C VAL B 41 -22.00 -50.36 -24.50
N ASP B 42 -22.76 -49.27 -24.55
CA ASP B 42 -22.19 -47.93 -24.52
C ASP B 42 -21.94 -47.51 -23.09
N VAL B 43 -20.75 -46.96 -22.84
CA VAL B 43 -20.35 -46.49 -21.52
C VAL B 43 -20.04 -45.01 -21.60
N GLU B 44 -20.63 -44.23 -20.71
CA GLU B 44 -20.43 -42.79 -20.72
C GLU B 44 -19.01 -42.44 -20.32
N LEU B 45 -18.34 -41.64 -21.15
CA LEU B 45 -17.00 -41.16 -20.87
C LEU B 45 -16.94 -39.72 -20.40
N PHE B 46 -17.90 -38.89 -20.82
CA PHE B 46 -17.83 -37.45 -20.57
C PHE B 46 -19.16 -36.78 -20.87
N GLU B 47 -19.66 -35.98 -19.93
CA GLU B 47 -20.83 -35.15 -20.16
C GLU B 47 -20.38 -33.70 -20.26
N ASN B 48 -20.69 -33.06 -21.39
CA ASN B 48 -20.33 -31.67 -21.60
C ASN B 48 -21.20 -30.76 -20.73
N LYS B 49 -20.56 -30.05 -19.80
CA LYS B 49 -21.21 -29.00 -19.05
C LYS B 49 -20.78 -27.61 -19.51
N THR B 50 -19.99 -27.53 -20.59
CA THR B 50 -19.44 -26.28 -21.08
C THR B 50 -20.30 -25.72 -22.20
N THR B 51 -19.94 -24.52 -22.64
CA THR B 51 -20.56 -23.89 -23.79
C THR B 51 -19.82 -24.16 -25.09
N LEU B 52 -18.84 -25.08 -25.07
CA LEU B 52 -18.12 -25.49 -26.25
C LEU B 52 -18.78 -26.71 -26.88
N PRO B 53 -18.48 -27.00 -28.15
CA PRO B 53 -18.98 -28.25 -28.74
C PRO B 53 -18.50 -29.45 -27.94
N VAL B 54 -19.33 -30.50 -27.94
CA VAL B 54 -19.12 -31.63 -27.03
C VAL B 54 -17.77 -32.30 -27.29
N ASN B 55 -17.41 -32.48 -28.55
CA ASN B 55 -16.14 -33.14 -28.84
C ASN B 55 -14.95 -32.23 -28.54
N VAL B 56 -15.14 -30.92 -28.65
CA VAL B 56 -14.09 -29.96 -28.30
C VAL B 56 -13.85 -29.99 -26.79
N ALA B 57 -14.91 -29.85 -26.00
CA ALA B 57 -14.77 -29.87 -24.55
C ALA B 57 -14.19 -31.19 -24.07
N PHE B 58 -14.60 -32.30 -24.71
CA PHE B 58 -14.07 -33.61 -24.36
C PHE B 58 -12.56 -33.64 -24.51
N GLU B 59 -12.03 -33.07 -25.59
CA GLU B 59 -10.59 -33.08 -25.82
C GLU B 59 -9.86 -32.20 -24.81
N LEU B 60 -10.41 -31.01 -24.51
CA LEU B 60 -9.76 -30.12 -23.55
C LEU B 60 -9.77 -30.72 -22.15
N TRP B 61 -10.87 -31.36 -21.76
CA TRP B 61 -10.91 -32.01 -20.45
C TRP B 61 -9.91 -33.15 -20.38
N ALA B 62 -9.81 -33.95 -21.45
CA ALA B 62 -8.84 -35.03 -21.47
C ALA B 62 -7.41 -34.51 -21.34
N LYS B 63 -7.14 -33.33 -21.89
CA LYS B 63 -5.81 -32.74 -21.90
C LYS B 63 -5.60 -31.78 -20.73
N ARG B 64 -6.40 -31.90 -19.68
CA ARG B 64 -6.26 -31.03 -18.53
C ARG B 64 -4.93 -31.26 -17.82
N ASN B 65 -4.43 -30.21 -17.18
CA ASN B 65 -3.25 -30.33 -16.34
C ASN B 65 -3.55 -31.21 -15.13
N ILE B 66 -2.73 -32.24 -14.93
CA ILE B 66 -2.91 -33.16 -13.81
C ILE B 66 -1.83 -32.99 -12.76
N LYS B 67 -1.07 -31.91 -12.82
CA LYS B 67 -0.17 -31.53 -11.75
C LYS B 67 -0.84 -30.50 -10.86
N PRO B 68 -0.34 -30.28 -9.64
CA PRO B 68 -0.87 -29.18 -8.83
C PRO B 68 -0.72 -27.86 -9.56
N VAL B 69 -1.85 -27.18 -9.77
CA VAL B 69 -1.87 -25.90 -10.48
C VAL B 69 -2.51 -24.86 -9.58
N PRO B 70 -2.20 -23.58 -9.80
CA PRO B 70 -2.88 -22.52 -9.05
C PRO B 70 -4.38 -22.61 -9.17
N GLU B 71 -5.08 -22.30 -8.08
CA GLU B 71 -6.53 -22.22 -8.15
C GLU B 71 -6.94 -21.14 -9.13
N VAL B 72 -8.10 -21.35 -9.76
CA VAL B 72 -8.54 -20.48 -10.85
C VAL B 72 -8.68 -19.03 -10.38
N LYS B 73 -9.10 -18.82 -9.13
CA LYS B 73 -9.24 -17.46 -8.63
C LYS B 73 -7.91 -16.72 -8.65
N ILE B 74 -6.81 -17.41 -8.33
CA ILE B 74 -5.50 -16.77 -8.36
C ILE B 74 -5.14 -16.36 -9.79
N LEU B 75 -5.37 -17.26 -10.74
CA LEU B 75 -5.07 -16.96 -12.14
C LEU B 75 -5.92 -15.81 -12.65
N ASN B 76 -7.21 -15.79 -12.29
CA ASN B 76 -8.08 -14.69 -12.71
C ASN B 76 -7.64 -13.37 -12.08
N ASN B 77 -7.30 -13.39 -10.79
CA ASN B 77 -6.91 -12.17 -10.11
C ASN B 77 -5.62 -11.59 -10.68
N LEU B 78 -4.73 -12.44 -11.18
CA LEU B 78 -3.51 -12.00 -11.82
C LEU B 78 -3.69 -11.68 -13.30
N GLY B 79 -4.92 -11.77 -13.82
CA GLY B 79 -5.18 -11.41 -15.19
C GLY B 79 -4.74 -12.41 -16.24
N VAL B 80 -4.59 -13.69 -15.90
CA VAL B 80 -4.18 -14.69 -16.88
C VAL B 80 -5.27 -14.87 -17.92
N ASP B 81 -4.90 -14.76 -19.19
CA ASP B 81 -5.83 -14.91 -20.30
C ASP B 81 -5.81 -16.30 -20.91
N ILE B 82 -4.69 -17.01 -20.80
CA ILE B 82 -4.46 -18.22 -21.57
C ILE B 82 -3.27 -18.95 -20.96
N ALA B 83 -3.20 -20.26 -21.15
CA ALA B 83 -2.11 -21.07 -20.63
C ALA B 83 -1.23 -21.53 -21.78
N ALA B 84 0.05 -21.73 -21.46
CA ALA B 84 1.04 -22.15 -22.45
C ALA B 84 1.10 -23.68 -22.49
N ASN B 85 0.54 -24.26 -23.56
CA ASN B 85 0.68 -25.69 -23.85
C ASN B 85 0.10 -26.56 -22.73
N THR B 86 -1.02 -26.14 -22.16
CA THR B 86 -1.74 -26.95 -21.19
C THR B 86 -3.16 -26.40 -21.10
N VAL B 87 -4.02 -27.16 -20.45
CA VAL B 87 -5.38 -26.73 -20.14
C VAL B 87 -5.51 -26.67 -18.62
N ILE B 88 -5.81 -25.50 -18.09
CA ILE B 88 -6.25 -25.38 -16.70
C ILE B 88 -7.75 -25.65 -16.68
N TRP B 89 -8.14 -26.77 -16.09
CA TRP B 89 -9.54 -27.15 -16.02
C TRP B 89 -10.19 -26.54 -14.77
N ASP B 90 -11.27 -25.81 -14.99
CA ASP B 90 -12.01 -25.15 -13.91
C ASP B 90 -13.02 -26.15 -13.37
N TYR B 91 -12.67 -26.82 -12.27
CA TYR B 91 -13.54 -27.85 -11.73
C TYR B 91 -14.78 -27.29 -11.06
N LYS B 92 -14.79 -25.99 -10.74
CA LYS B 92 -15.99 -25.38 -10.18
C LYS B 92 -17.03 -25.08 -11.24
N ARG B 93 -16.61 -24.94 -12.49
CA ARG B 93 -17.51 -24.71 -13.61
C ARG B 93 -17.60 -25.90 -14.55
N ASP B 94 -16.84 -26.97 -14.30
CA ASP B 94 -16.74 -28.11 -15.21
C ASP B 94 -16.49 -27.64 -16.64
N ALA B 95 -15.47 -26.80 -16.79
CA ALA B 95 -15.21 -26.12 -18.06
C ALA B 95 -13.76 -25.69 -18.08
N PRO B 96 -13.20 -25.42 -19.27
CA PRO B 96 -11.84 -24.85 -19.31
C PRO B 96 -11.81 -23.48 -18.67
N ALA B 97 -10.72 -23.20 -17.95
CA ALA B 97 -10.60 -21.92 -17.26
C ALA B 97 -10.43 -20.77 -18.25
N HIS B 98 -10.05 -21.06 -19.50
CA HIS B 98 -9.74 -20.02 -20.47
C HIS B 98 -10.40 -20.35 -21.81
N ILE B 99 -10.72 -19.30 -22.57
CA ILE B 99 -11.45 -19.48 -23.83
C ILE B 99 -10.62 -20.29 -24.81
N SER B 100 -9.40 -19.86 -25.06
CA SER B 100 -8.55 -20.39 -26.12
C SER B 100 -7.38 -21.17 -25.53
N THR B 101 -6.61 -21.80 -26.41
CA THR B 101 -5.47 -22.61 -26.02
C THR B 101 -4.29 -22.26 -26.91
N ILE B 102 -3.10 -22.73 -26.49
CA ILE B 102 -1.88 -22.58 -27.26
C ILE B 102 -1.25 -23.96 -27.38
N GLY B 103 -1.28 -24.53 -28.58
CA GLY B 103 -0.66 -25.83 -28.82
C GLY B 103 -1.29 -26.98 -28.07
N VAL B 104 -2.63 -27.01 -27.97
CA VAL B 104 -3.34 -28.05 -27.23
C VAL B 104 -4.39 -28.73 -28.11
N CYS B 105 -5.27 -27.95 -28.73
CA CYS B 105 -6.39 -28.47 -29.48
C CYS B 105 -6.64 -27.60 -30.70
N SER B 106 -6.85 -28.25 -31.85
CA SER B 106 -6.96 -27.51 -33.12
C SER B 106 -8.15 -26.58 -33.13
N MET B 107 -9.28 -26.99 -32.54
CA MET B 107 -10.48 -26.16 -32.56
C MET B 107 -10.37 -24.92 -31.68
N THR B 108 -9.51 -24.94 -30.67
CA THR B 108 -9.39 -23.82 -29.74
C THR B 108 -8.02 -23.14 -29.76
N ASP B 109 -7.04 -23.71 -30.46
CA ASP B 109 -5.71 -23.10 -30.52
C ASP B 109 -5.76 -21.77 -31.28
N ILE B 110 -5.18 -20.73 -30.69
CA ILE B 110 -4.87 -19.51 -31.43
C ILE B 110 -3.44 -19.50 -31.91
N ALA B 111 -2.62 -20.47 -31.48
CA ALA B 111 -1.21 -20.56 -31.82
C ALA B 111 -0.71 -21.91 -31.32
N LYS B 112 0.39 -22.38 -31.92
CA LYS B 112 1.03 -23.61 -31.45
C LYS B 112 2.05 -23.35 -30.36
N LYS B 113 2.72 -22.20 -30.39
CA LYS B 113 3.72 -21.82 -29.41
C LYS B 113 3.41 -20.42 -28.88
N PRO B 114 3.68 -20.15 -27.60
CA PRO B 114 3.36 -18.84 -27.03
C PRO B 114 4.23 -17.72 -27.56
N THR B 115 5.27 -18.02 -28.33
CA THR B 115 6.09 -16.98 -28.94
C THR B 115 5.45 -16.35 -30.16
N GLU B 116 4.39 -16.96 -30.70
CA GLU B 116 3.69 -16.37 -31.84
C GLU B 116 3.09 -15.03 -31.44
N THR B 117 2.92 -14.15 -32.44
CA THR B 117 2.62 -12.75 -32.14
C THR B 117 1.24 -12.56 -31.52
N ILE B 118 0.28 -13.44 -31.84
CA ILE B 118 -1.06 -13.31 -31.28
C ILE B 118 -1.04 -13.47 -29.76
N CYS B 119 -0.03 -14.14 -29.23
CA CYS B 119 0.08 -14.37 -27.80
C CYS B 119 0.73 -13.20 -27.06
N ALA B 120 1.42 -12.33 -27.79
CA ALA B 120 2.15 -11.25 -27.15
C ALA B 120 1.28 -10.33 -26.30
N PRO B 121 0.09 -9.88 -26.74
CA PRO B 121 -0.72 -9.01 -25.87
C PRO B 121 -1.45 -9.74 -24.77
N LEU B 122 -1.58 -11.06 -24.86
CA LEU B 122 -2.28 -11.85 -23.86
C LEU B 122 -1.35 -12.21 -22.70
N THR B 123 -1.90 -12.23 -21.49
CA THR B 123 -1.14 -12.64 -20.31
C THR B 123 -1.13 -14.15 -20.25
N VAL B 124 0.00 -14.75 -20.59
CA VAL B 124 0.14 -16.20 -20.75
C VAL B 124 0.64 -16.79 -19.45
N PHE B 125 0.07 -17.92 -19.05
CA PHE B 125 0.50 -18.63 -17.85
C PHE B 125 1.63 -19.59 -18.20
N PHE B 126 2.74 -19.49 -17.47
CA PHE B 126 3.92 -20.31 -17.69
C PHE B 126 4.21 -21.13 -16.44
N ASP B 127 4.52 -22.41 -16.63
CA ASP B 127 4.79 -23.33 -15.53
C ASP B 127 6.28 -23.65 -15.54
N GLY B 128 7.00 -23.14 -14.53
CA GLY B 128 8.43 -23.39 -14.44
C GLY B 128 8.80 -24.85 -14.31
N ARG B 129 7.85 -25.69 -13.92
CA ARG B 129 8.09 -27.13 -13.85
C ARG B 129 8.14 -27.79 -15.22
N VAL B 130 7.87 -27.05 -16.29
CA VAL B 130 7.92 -27.57 -17.65
C VAL B 130 9.19 -27.03 -18.29
N ASP B 131 9.96 -27.92 -18.92
CA ASP B 131 11.24 -27.55 -19.52
C ASP B 131 11.10 -26.35 -20.43
N GLY B 132 11.94 -25.34 -20.19
CA GLY B 132 12.03 -24.19 -21.08
C GLY B 132 10.93 -23.16 -20.94
N GLN B 133 10.02 -23.31 -19.98
CA GLN B 133 8.93 -22.34 -19.86
C GLN B 133 9.35 -21.10 -19.08
N VAL B 134 10.32 -21.22 -18.16
CA VAL B 134 10.88 -20.05 -17.51
C VAL B 134 11.53 -19.13 -18.55
N ASP B 135 12.29 -19.72 -19.47
CA ASP B 135 12.90 -18.93 -20.54
C ASP B 135 11.84 -18.33 -21.45
N LEU B 136 10.76 -19.07 -21.70
CA LEU B 136 9.67 -18.52 -22.50
C LEU B 136 9.02 -17.34 -21.79
N PHE B 137 8.92 -17.40 -20.46
CA PHE B 137 8.43 -16.26 -19.70
C PHE B 137 9.37 -15.07 -19.82
N ARG B 138 10.68 -15.32 -19.77
CA ARG B 138 11.66 -14.23 -19.88
C ARG B 138 11.48 -13.45 -21.17
N ASN B 139 11.12 -14.14 -22.25
CA ASN B 139 10.91 -13.52 -23.56
C ASN B 139 9.48 -13.08 -23.78
N ALA B 140 8.57 -13.43 -22.89
CA ALA B 140 7.16 -13.10 -23.07
C ALA B 140 6.90 -11.63 -22.75
N ARG B 141 6.03 -11.01 -23.54
CA ARG B 141 5.65 -9.62 -23.28
C ARG B 141 4.77 -9.51 -22.04
N ASN B 142 3.72 -10.33 -21.97
CA ASN B 142 2.82 -10.38 -20.84
C ASN B 142 2.65 -11.82 -20.39
N GLY B 143 2.74 -12.06 -19.10
CA GLY B 143 2.65 -13.42 -18.62
C GLY B 143 2.74 -13.51 -17.11
N VAL B 144 2.41 -14.69 -16.63
CA VAL B 144 2.51 -15.05 -15.22
C VAL B 144 3.25 -16.37 -15.14
N LEU B 145 4.24 -16.45 -14.25
CA LEU B 145 5.07 -17.64 -14.12
C LEU B 145 5.01 -18.16 -12.68
N ILE B 146 4.93 -19.48 -12.54
CA ILE B 146 5.05 -20.15 -11.25
C ILE B 146 6.28 -21.04 -11.29
N THR B 147 6.98 -21.13 -10.15
CA THR B 147 8.12 -22.03 -10.02
C THR B 147 8.10 -22.64 -8.62
N GLU B 148 8.86 -23.72 -8.44
CA GLU B 148 9.03 -24.29 -7.11
C GLU B 148 10.25 -23.76 -6.38
N GLY B 149 11.21 -23.19 -7.12
CA GLY B 149 12.41 -22.63 -6.53
C GLY B 149 12.70 -21.25 -7.08
N SER B 150 13.85 -20.72 -6.68
CA SER B 150 14.22 -19.36 -7.06
C SER B 150 14.54 -19.29 -8.55
N VAL B 151 14.33 -18.11 -9.12
CA VAL B 151 14.68 -17.83 -10.50
C VAL B 151 15.74 -16.73 -10.47
N LYS B 152 16.90 -17.03 -11.04
CA LYS B 152 18.00 -16.07 -11.04
C LYS B 152 17.59 -14.79 -11.75
N GLY B 153 17.76 -13.66 -11.06
CA GLY B 153 17.47 -12.36 -11.63
C GLY B 153 16.07 -11.84 -11.39
N LEU B 154 15.22 -12.59 -10.70
CA LEU B 154 13.83 -12.19 -10.46
C LEU B 154 13.50 -12.39 -9.00
N GLN B 155 12.93 -11.36 -8.37
CA GLN B 155 12.47 -11.49 -6.99
C GLN B 155 11.11 -12.18 -6.99
N PRO B 156 10.93 -13.23 -6.18
CA PRO B 156 9.68 -13.98 -6.23
C PRO B 156 8.60 -13.36 -5.35
N SER B 157 7.36 -13.73 -5.65
CA SER B 157 6.23 -13.50 -4.77
C SER B 157 5.75 -14.87 -4.29
N VAL B 158 5.76 -15.07 -2.98
CA VAL B 158 5.40 -16.37 -2.42
C VAL B 158 3.89 -16.50 -2.42
N GLY B 159 3.38 -17.52 -3.11
CA GLY B 159 1.96 -17.71 -3.27
C GLY B 159 1.33 -18.47 -2.11
N PRO B 160 0.08 -18.88 -2.27
CA PRO B 160 -0.61 -19.63 -1.21
C PRO B 160 0.02 -21.01 -1.02
N LYS B 161 -0.18 -21.55 0.18
CA LYS B 161 0.31 -22.88 0.49
C LYS B 161 -0.40 -23.95 -0.32
N GLN B 162 -1.65 -23.72 -0.70
CA GLN B 162 -2.50 -24.72 -1.32
C GLN B 162 -2.57 -24.53 -2.83
N ALA B 163 -2.84 -25.63 -3.54
CA ALA B 163 -3.05 -25.62 -4.98
C ALA B 163 -4.11 -26.66 -5.32
N SER B 164 -4.49 -26.72 -6.59
CA SER B 164 -5.54 -27.62 -7.06
C SER B 164 -4.92 -28.79 -7.80
N LEU B 165 -5.17 -30.00 -7.30
CA LEU B 165 -4.72 -31.24 -7.95
C LEU B 165 -5.97 -32.02 -8.35
N ASN B 166 -6.27 -32.02 -9.65
CA ASN B 166 -7.43 -32.72 -10.21
C ASN B 166 -8.71 -32.32 -9.49
N GLY B 167 -8.84 -31.02 -9.21
CA GLY B 167 -10.01 -30.51 -8.55
C GLY B 167 -9.99 -30.59 -7.04
N VAL B 168 -8.94 -31.14 -6.44
CA VAL B 168 -8.81 -31.21 -4.99
C VAL B 168 -7.86 -30.12 -4.56
N THR B 169 -8.36 -29.16 -3.78
CA THR B 169 -7.51 -28.14 -3.21
C THR B 169 -6.83 -28.70 -1.96
N LEU B 170 -5.50 -28.64 -1.93
CA LEU B 170 -4.75 -29.29 -0.87
C LEU B 170 -3.42 -28.58 -0.69
N ILE B 171 -2.87 -28.73 0.52
CA ILE B 171 -1.51 -28.32 0.84
C ILE B 171 -0.64 -29.55 0.66
N GLY B 172 0.26 -29.50 -0.32
CA GLY B 172 0.94 -30.72 -0.76
C GLY B 172 1.93 -31.22 0.27
N GLU B 173 1.88 -32.53 0.53
CA GLU B 173 2.86 -33.22 1.37
C GLU B 173 3.78 -34.13 0.59
N ALA B 174 3.27 -34.82 -0.42
CA ALA B 174 4.09 -35.59 -1.35
C ALA B 174 4.38 -34.83 -2.63
N VAL B 175 3.76 -33.66 -2.82
CA VAL B 175 4.01 -32.78 -3.95
C VAL B 175 4.09 -31.36 -3.42
N LYS B 176 4.71 -30.48 -4.20
CA LYS B 176 4.81 -29.08 -3.83
C LYS B 176 3.64 -28.30 -4.41
N THR B 177 2.92 -27.60 -3.55
CA THR B 177 1.79 -26.78 -3.97
C THR B 177 2.03 -25.29 -3.79
N GLN B 178 3.06 -24.88 -3.05
CA GLN B 178 3.39 -23.48 -2.85
C GLN B 178 4.36 -23.04 -3.92
N PHE B 179 3.95 -22.08 -4.75
CA PHE B 179 4.74 -21.64 -5.89
C PHE B 179 5.28 -20.23 -5.65
N ASN B 180 6.39 -19.93 -6.33
CA ASN B 180 6.81 -18.55 -6.49
C ASN B 180 6.08 -17.95 -7.69
N TYR B 181 5.60 -16.72 -7.52
CA TYR B 181 4.83 -16.06 -8.56
C TYR B 181 5.61 -14.91 -9.17
N TYR B 182 5.54 -14.79 -10.49
CA TYR B 182 6.16 -13.70 -11.22
C TYR B 182 5.20 -13.23 -12.30
N LYS B 183 5.20 -11.93 -12.56
CA LYS B 183 4.24 -11.36 -13.50
C LYS B 183 4.94 -10.26 -14.30
N LYS B 184 4.61 -10.20 -15.59
CA LYS B 184 5.21 -9.23 -16.50
C LYS B 184 4.11 -8.54 -17.29
N VAL B 185 4.14 -7.22 -17.30
CA VAL B 185 3.23 -6.40 -18.09
C VAL B 185 4.06 -5.56 -19.04
N ASP B 186 3.73 -5.64 -20.34
CA ASP B 186 4.43 -4.92 -21.40
C ASP B 186 5.95 -5.08 -21.26
N GLY B 187 6.38 -6.32 -21.04
CA GLY B 187 7.78 -6.66 -20.96
C GLY B 187 8.48 -6.28 -19.68
N VAL B 188 7.78 -5.63 -18.74
CA VAL B 188 8.37 -5.18 -17.49
C VAL B 188 7.94 -6.14 -16.39
N VAL B 189 8.92 -6.67 -15.65
CA VAL B 189 8.62 -7.50 -14.48
C VAL B 189 8.01 -6.63 -13.41
N GLN B 190 6.83 -7.00 -12.94
CA GLN B 190 6.13 -6.27 -11.88
C GLN B 190 6.59 -6.72 -10.50
N GLN B 191 6.44 -5.82 -9.53
CA GLN B 191 6.42 -6.22 -8.13
C GLN B 191 5.01 -6.61 -7.77
N LEU B 192 4.83 -7.83 -7.35
CA LEU B 192 3.49 -8.19 -6.91
C LEU B 192 3.25 -7.66 -5.51
N PRO B 193 2.06 -7.14 -5.22
CA PRO B 193 1.82 -6.47 -3.93
C PRO B 193 1.80 -7.47 -2.79
N GLU B 194 2.00 -6.94 -1.58
CA GLU B 194 1.70 -7.68 -0.37
C GLU B 194 0.24 -8.15 -0.43
N THR B 195 0.01 -9.39 -0.02
CA THR B 195 -1.34 -9.91 -0.12
C THR B 195 -1.60 -10.97 0.94
N TYR B 196 -2.82 -10.96 1.47
CA TYR B 196 -3.32 -12.14 2.16
C TYR B 196 -3.79 -13.17 1.14
N PHE B 197 -4.01 -14.39 1.60
CA PHE B 197 -4.51 -15.45 0.74
C PHE B 197 -5.74 -16.07 1.38
N THR B 198 -6.79 -16.26 0.60
CA THR B 198 -7.91 -17.07 1.07
C THR B 198 -7.45 -18.52 1.23
N GLN B 199 -8.11 -19.25 2.14
CA GLN B 199 -7.63 -20.55 2.56
C GLN B 199 -8.25 -21.71 1.80
N SER B 200 -9.35 -21.48 1.08
CA SER B 200 -9.90 -22.46 0.14
C SER B 200 -10.36 -23.74 0.84
N ARG B 201 -11.04 -23.58 1.97
CA ARG B 201 -11.54 -24.72 2.73
C ARG B 201 -13.02 -24.93 2.47
N ASN B 202 -13.51 -26.08 2.92
CA ASN B 202 -14.89 -26.51 2.72
C ASN B 202 -15.72 -26.24 3.96
N LEU B 203 -17.03 -26.13 3.75
CA LEU B 203 -17.93 -26.02 4.90
C LEU B 203 -18.06 -27.35 5.62
N GLN B 204 -18.07 -28.44 4.85
CA GLN B 204 -18.34 -29.76 5.41
C GLN B 204 -17.17 -30.26 6.24
N GLU B 205 -15.96 -30.15 5.71
CA GLU B 205 -14.77 -30.73 6.32
C GLU B 205 -13.72 -29.67 6.62
N PHE B 206 -14.13 -28.65 7.37
CA PHE B 206 -13.27 -27.51 7.69
C PHE B 206 -12.24 -27.89 8.74
N LYS B 207 -10.98 -27.55 8.48
CA LYS B 207 -9.89 -27.86 9.39
C LYS B 207 -9.17 -26.58 9.80
N PRO B 208 -8.99 -26.33 11.10
CA PRO B 208 -8.31 -25.11 11.53
C PRO B 208 -6.83 -25.17 11.20
N ARG B 209 -6.23 -23.98 11.03
CA ARG B 209 -4.82 -23.87 10.68
C ARG B 209 -4.08 -22.91 11.60
N SER B 210 -4.61 -22.67 12.79
CA SER B 210 -3.94 -21.85 13.80
C SER B 210 -4.57 -22.13 15.15
N GLN B 211 -3.84 -21.79 16.21
CA GLN B 211 -4.37 -22.00 17.56
C GLN B 211 -5.60 -21.15 17.82
N MET B 212 -5.66 -19.97 17.21
CA MET B 212 -6.86 -19.13 17.35
C MET B 212 -8.05 -19.78 16.65
N GLU B 213 -7.82 -20.41 15.50
CA GLU B 213 -8.90 -21.10 14.80
C GLU B 213 -9.35 -22.33 15.58
N ILE B 214 -8.40 -23.07 16.16
CA ILE B 214 -8.75 -24.17 17.05
C ILE B 214 -9.61 -23.66 18.20
N ASP B 215 -9.23 -22.50 18.76
CA ASP B 215 -9.98 -21.96 19.89
C ASP B 215 -11.35 -21.45 19.46
N PHE B 216 -11.47 -20.92 18.24
CA PHE B 216 -12.76 -20.42 17.78
C PHE B 216 -13.76 -21.55 17.60
N LEU B 217 -13.31 -22.68 17.06
CA LEU B 217 -14.20 -23.83 16.87
C LEU B 217 -14.55 -24.47 18.21
N GLU B 218 -13.62 -24.47 19.15
CA GLU B 218 -13.79 -25.23 20.39
C GLU B 218 -14.47 -24.42 21.49
N LEU B 219 -14.13 -23.15 21.64
CA LEU B 219 -14.68 -22.35 22.73
C LEU B 219 -16.04 -21.77 22.36
N ALA B 220 -16.75 -21.29 23.38
CA ALA B 220 -17.99 -20.58 23.16
C ALA B 220 -17.69 -19.17 22.66
N MET B 221 -18.74 -18.49 22.21
CA MET B 221 -18.57 -17.15 21.64
C MET B 221 -18.02 -16.18 22.66
N ASP B 222 -18.66 -16.11 23.84
CA ASP B 222 -18.21 -15.17 24.87
C ASP B 222 -16.80 -15.49 25.33
N GLU B 223 -16.48 -16.78 25.49
CA GLU B 223 -15.15 -17.17 25.93
C GLU B 223 -14.08 -16.77 24.92
N PHE B 224 -14.33 -17.06 23.64
CA PHE B 224 -13.34 -16.76 22.60
C PHE B 224 -13.11 -15.26 22.48
N ILE B 225 -14.20 -14.48 22.42
CA ILE B 225 -14.06 -13.03 22.30
C ILE B 225 -13.29 -12.47 23.48
N GLU B 226 -13.44 -13.07 24.66
CA GLU B 226 -12.68 -12.60 25.82
C GLU B 226 -11.20 -12.95 25.69
N ARG B 227 -10.90 -14.21 25.36
CA ARG B 227 -9.51 -14.65 25.35
C ARG B 227 -8.65 -13.83 24.41
N TYR B 228 -9.18 -13.50 23.23
CA TYR B 228 -8.43 -12.76 22.23
C TYR B 228 -8.78 -11.27 22.21
N LYS B 229 -9.43 -10.78 23.27
CA LYS B 229 -9.70 -9.36 23.47
C LYS B 229 -10.35 -8.72 22.23
N LEU B 230 -11.48 -9.27 21.83
CA LEU B 230 -12.16 -8.82 20.61
C LEU B 230 -13.44 -8.05 20.92
N GLU B 231 -13.59 -7.54 22.15
CA GLU B 231 -14.73 -6.71 22.48
C GLU B 231 -14.73 -5.44 21.63
N GLY B 232 -15.90 -5.08 21.11
CA GLY B 232 -16.04 -3.90 20.29
C GLY B 232 -15.78 -4.10 18.81
N TYR B 233 -15.39 -5.30 18.39
CA TYR B 233 -15.12 -5.59 16.99
C TYR B 233 -16.28 -6.30 16.30
N ALA B 234 -17.35 -6.61 17.02
CA ALA B 234 -18.59 -7.13 16.44
C ALA B 234 -18.39 -8.49 15.76
N PHE B 235 -17.61 -9.36 16.39
CA PHE B 235 -17.52 -10.73 15.88
C PHE B 235 -18.82 -11.50 16.10
N GLU B 236 -19.63 -11.08 17.09
CA GLU B 236 -20.95 -11.67 17.27
C GLU B 236 -21.77 -11.55 16.00
N HIS B 237 -21.68 -10.40 15.33
CA HIS B 237 -22.41 -10.16 14.09
C HIS B 237 -21.63 -10.70 12.88
N ILE B 238 -20.36 -10.32 12.77
CA ILE B 238 -19.61 -10.55 11.52
C ILE B 238 -19.27 -12.03 11.34
N VAL B 239 -18.76 -12.66 12.39
CA VAL B 239 -18.21 -14.00 12.28
C VAL B 239 -19.19 -15.06 12.80
N TYR B 240 -19.77 -14.84 13.99
CA TYR B 240 -20.66 -15.83 14.55
C TYR B 240 -22.02 -15.84 13.88
N GLY B 241 -22.51 -14.69 13.46
CA GLY B 241 -23.79 -14.60 12.78
C GLY B 241 -24.96 -14.32 13.71
N ASP B 242 -25.88 -13.47 13.26
CA ASP B 242 -27.05 -13.10 14.03
C ASP B 242 -28.27 -13.73 13.36
N PHE B 243 -28.88 -14.71 14.04
CA PHE B 243 -30.01 -15.45 13.49
C PHE B 243 -31.32 -15.10 14.17
N SER B 244 -31.39 -13.95 14.83
CA SER B 244 -32.56 -13.58 15.60
C SER B 244 -33.62 -12.84 14.78
N HIS B 245 -33.24 -12.24 13.65
CA HIS B 245 -34.17 -11.50 12.81
C HIS B 245 -34.38 -12.22 11.48
N SER B 246 -35.34 -11.70 10.70
CA SER B 246 -35.67 -12.34 9.44
C SER B 246 -34.51 -12.31 8.46
N GLN B 247 -33.76 -11.20 8.42
CA GLN B 247 -32.49 -11.19 7.71
C GLN B 247 -31.37 -11.71 8.59
N LEU B 248 -30.64 -12.71 8.10
CA LEU B 248 -29.46 -13.19 8.78
C LEU B 248 -28.43 -12.07 8.87
N GLY B 249 -27.86 -11.89 10.07
CA GLY B 249 -26.91 -10.82 10.30
C GLY B 249 -25.49 -11.30 10.15
N GLY B 250 -24.72 -10.59 9.34
CA GLY B 250 -23.30 -10.87 9.21
C GLY B 250 -23.03 -12.24 8.61
N LEU B 251 -22.19 -13.02 9.29
CA LEU B 251 -21.79 -14.35 8.88
C LEU B 251 -21.08 -14.30 7.52
N HIS B 252 -19.93 -13.64 7.52
CA HIS B 252 -19.15 -13.42 6.30
C HIS B 252 -17.82 -14.17 6.30
N LEU B 253 -17.51 -14.90 7.36
CA LEU B 253 -16.25 -15.64 7.46
C LEU B 253 -16.56 -17.12 7.54
N LEU B 254 -15.89 -17.92 6.69
CA LEU B 254 -16.24 -19.32 6.52
C LEU B 254 -16.17 -20.08 7.84
N ILE B 255 -15.17 -19.79 8.68
CA ILE B 255 -15.05 -20.52 9.93
C ILE B 255 -16.26 -20.30 10.82
N GLY B 256 -16.93 -19.16 10.68
CA GLY B 256 -18.17 -18.95 11.42
C GLY B 256 -19.29 -19.84 10.91
N LEU B 257 -19.36 -20.03 9.60
CA LEU B 257 -20.31 -20.99 9.05
C LEU B 257 -19.94 -22.41 9.45
N ALA B 258 -18.64 -22.73 9.45
CA ALA B 258 -18.24 -24.09 9.79
C ALA B 258 -18.62 -24.45 11.22
N LYS B 259 -18.46 -23.51 12.14
CA LYS B 259 -18.83 -23.77 13.53
C LYS B 259 -20.33 -23.98 13.66
N ARG B 260 -21.13 -23.15 12.98
CA ARG B 260 -22.58 -23.29 13.04
C ARG B 260 -23.04 -24.57 12.37
N PHE B 261 -22.42 -24.94 11.25
CA PHE B 261 -22.85 -26.09 10.47
C PHE B 261 -22.73 -27.39 11.24
N LYS B 262 -21.89 -27.43 12.28
CA LYS B 262 -21.83 -28.62 13.14
C LYS B 262 -23.14 -28.80 13.91
N GLU B 263 -23.61 -27.72 14.55
CA GLU B 263 -24.77 -27.84 15.43
C GLU B 263 -26.06 -27.96 14.63
N SER B 264 -26.27 -27.05 13.68
CA SER B 264 -27.47 -27.07 12.86
C SER B 264 -27.11 -26.70 11.43
N PRO B 265 -27.73 -27.34 10.44
CA PRO B 265 -27.35 -27.10 9.05
C PRO B 265 -28.07 -25.89 8.48
N PHE B 266 -27.69 -25.53 7.26
CA PHE B 266 -28.35 -24.45 6.56
C PHE B 266 -28.09 -24.58 5.07
N GLU B 267 -28.90 -23.89 4.27
CA GLU B 267 -28.86 -23.97 2.82
C GLU B 267 -28.06 -22.82 2.26
N LEU B 268 -27.07 -23.13 1.42
CA LEU B 268 -26.32 -22.13 0.68
C LEU B 268 -26.56 -22.35 -0.80
N GLU B 269 -27.17 -21.37 -1.46
CA GLU B 269 -27.35 -21.43 -2.90
C GLU B 269 -26.22 -20.65 -3.57
N ASP B 270 -25.41 -21.35 -4.36
CA ASP B 270 -24.25 -20.79 -5.04
C ASP B 270 -24.71 -20.26 -6.40
N PHE B 271 -25.35 -19.09 -6.39
CA PHE B 271 -26.03 -18.63 -7.59
C PHE B 271 -25.09 -18.06 -8.65
N ILE B 272 -23.81 -17.84 -8.32
CA ILE B 272 -22.78 -17.62 -9.33
C ILE B 272 -21.69 -18.68 -9.10
N PRO B 273 -21.92 -19.92 -9.53
CA PRO B 273 -20.96 -21.00 -9.21
C PRO B 273 -19.66 -20.89 -9.97
N MET B 274 -18.70 -20.15 -9.40
CA MET B 274 -17.37 -20.02 -9.98
C MET B 274 -16.37 -19.86 -8.85
N ASP B 275 -15.10 -20.06 -9.19
CA ASP B 275 -14.02 -19.81 -8.24
C ASP B 275 -13.78 -18.31 -8.14
N SER B 276 -13.96 -17.74 -6.96
CA SER B 276 -13.66 -16.34 -6.75
C SER B 276 -13.23 -16.13 -5.31
N THR B 277 -12.39 -15.11 -5.11
CA THR B 277 -11.89 -14.80 -3.77
C THR B 277 -13.03 -14.57 -2.80
N VAL B 278 -14.00 -13.76 -3.19
CA VAL B 278 -15.22 -13.55 -2.41
C VAL B 278 -16.35 -14.34 -3.06
N LYS B 279 -17.03 -15.15 -2.26
CA LYS B 279 -18.16 -15.96 -2.73
C LYS B 279 -19.45 -15.39 -2.17
N ASN B 280 -20.49 -15.37 -3.00
CA ASN B 280 -21.82 -14.89 -2.61
C ASN B 280 -22.80 -16.06 -2.59
N TYR B 281 -23.58 -16.15 -1.52
CA TYR B 281 -24.56 -17.21 -1.36
C TYR B 281 -25.89 -16.64 -0.91
N PHE B 282 -26.97 -17.27 -1.36
CA PHE B 282 -28.31 -17.02 -0.85
C PHE B 282 -28.52 -18.07 0.23
N ILE B 283 -28.45 -17.63 1.48
CA ILE B 283 -28.37 -18.54 2.63
C ILE B 283 -29.72 -18.56 3.35
N THR B 284 -30.11 -19.75 3.81
CA THR B 284 -31.32 -19.95 4.59
C THR B 284 -30.98 -20.83 5.78
N ASP B 285 -31.12 -20.30 6.98
CA ASP B 285 -30.81 -21.06 8.19
C ASP B 285 -31.96 -22.00 8.51
N ALA B 286 -31.68 -23.30 8.56
CA ALA B 286 -32.74 -24.29 8.71
C ALA B 286 -33.37 -24.24 10.10
N GLN B 287 -32.56 -23.99 11.13
CA GLN B 287 -33.05 -24.03 12.50
C GLN B 287 -33.99 -22.87 12.79
N THR B 288 -33.66 -21.66 12.33
CA THR B 288 -34.39 -20.46 12.71
C THR B 288 -35.22 -19.84 11.59
N GLY B 289 -34.92 -20.16 10.33
CA GLY B 289 -35.58 -19.47 9.24
C GLY B 289 -35.01 -18.11 8.93
N SER B 290 -33.88 -17.73 9.53
CA SER B 290 -33.22 -16.49 9.17
C SER B 290 -32.50 -16.69 7.83
N SER B 291 -32.57 -15.68 6.97
CA SER B 291 -32.06 -15.83 5.61
C SER B 291 -31.50 -14.50 5.12
N LYS B 292 -30.73 -14.57 4.03
CA LYS B 292 -30.17 -13.39 3.39
C LYS B 292 -29.90 -13.71 1.93
N CYS B 293 -30.34 -12.81 1.04
CA CYS B 293 -30.27 -13.07 -0.40
C CYS B 293 -28.82 -13.09 -0.89
N VAL B 294 -28.04 -12.09 -0.52
CA VAL B 294 -26.64 -11.99 -0.94
C VAL B 294 -25.79 -11.94 0.32
N CYS B 295 -25.22 -13.09 0.68
CA CYS B 295 -24.33 -13.18 1.84
C CYS B 295 -22.92 -13.46 1.33
N SER B 296 -22.08 -12.42 1.33
CA SER B 296 -20.71 -12.59 0.91
C SER B 296 -19.93 -13.37 1.96
N VAL B 297 -19.17 -14.36 1.52
CA VAL B 297 -18.38 -15.20 2.41
C VAL B 297 -16.95 -15.24 1.88
N ILE B 298 -15.99 -15.14 2.79
CA ILE B 298 -14.58 -15.29 2.47
C ILE B 298 -13.97 -16.24 3.50
N ASP B 299 -13.01 -17.05 3.06
CA ASP B 299 -12.28 -17.95 3.95
C ASP B 299 -10.90 -17.36 4.17
N LEU B 300 -10.80 -16.46 5.14
CA LEU B 300 -9.51 -15.95 5.60
C LEU B 300 -9.12 -16.71 6.85
N LEU B 301 -7.81 -16.96 7.00
CA LEU B 301 -7.29 -17.39 8.28
C LEU B 301 -7.76 -16.42 9.35
N LEU B 302 -8.39 -16.96 10.40
CA LEU B 302 -8.99 -16.10 11.41
C LEU B 302 -7.99 -15.11 11.97
N ASP B 303 -6.72 -15.50 12.07
CA ASP B 303 -5.68 -14.57 12.51
C ASP B 303 -5.54 -13.41 11.53
N ASP B 304 -5.58 -13.70 10.23
CA ASP B 304 -5.50 -12.64 9.23
C ASP B 304 -6.70 -11.72 9.29
N PHE B 305 -7.89 -12.29 9.50
CA PHE B 305 -9.09 -11.47 9.60
C PHE B 305 -9.04 -10.57 10.82
N VAL B 306 -8.53 -11.09 11.94
CA VAL B 306 -8.39 -10.27 13.15
C VAL B 306 -7.40 -9.12 12.90
N GLU B 307 -6.26 -9.44 12.27
CA GLU B 307 -5.28 -8.41 11.96
C GLU B 307 -5.87 -7.33 11.06
N ILE B 308 -6.67 -7.72 10.08
CA ILE B 308 -7.27 -6.75 9.16
C ILE B 308 -8.18 -5.80 9.92
N ILE B 309 -9.09 -6.36 10.73
CA ILE B 309 -10.10 -5.51 11.37
C ILE B 309 -9.49 -4.70 12.50
N LYS B 310 -8.42 -5.21 13.13
CA LYS B 310 -7.73 -4.45 14.16
C LYS B 310 -6.82 -3.36 13.61
N SER B 311 -6.65 -3.30 12.29
CA SER B 311 -5.78 -2.32 11.66
C SER B 311 -6.56 -1.21 10.96
N GLN B 312 -7.78 -0.94 11.42
CA GLN B 312 -8.65 0.03 10.78
C GLN B 312 -9.03 1.13 11.76
N ASP B 313 -9.19 2.33 11.21
CA ASP B 313 -9.71 3.45 11.98
C ASP B 313 -11.21 3.25 12.19
N LEU B 314 -11.63 3.23 13.46
CA LEU B 314 -13.01 2.94 13.85
C LEU B 314 -13.79 4.22 14.17
N SER B 315 -13.54 5.32 13.47
CA SER B 315 -14.07 6.61 13.88
C SER B 315 -15.05 7.23 12.91
N VAL B 316 -15.30 6.63 11.75
CA VAL B 316 -16.25 7.15 10.78
C VAL B 316 -17.40 6.16 10.66
N VAL B 317 -18.60 6.69 10.40
CA VAL B 317 -19.81 5.86 10.34
C VAL B 317 -19.63 4.73 9.31
N SER B 318 -19.23 5.08 8.09
CA SER B 318 -19.08 4.08 7.04
C SER B 318 -17.99 4.52 6.08
N LYS B 319 -17.21 3.55 5.60
CA LYS B 319 -16.18 3.83 4.61
C LYS B 319 -15.73 2.52 3.97
N VAL B 320 -15.11 2.65 2.79
CA VAL B 320 -14.61 1.50 2.04
C VAL B 320 -13.21 1.16 2.53
N VAL B 321 -13.00 -0.10 2.92
CA VAL B 321 -11.71 -0.61 3.33
C VAL B 321 -11.22 -1.56 2.25
N LYS B 322 -10.06 -1.25 1.68
CA LYS B 322 -9.49 -2.05 0.59
C LYS B 322 -8.38 -2.94 1.13
N VAL B 323 -8.45 -4.23 0.81
CA VAL B 323 -7.47 -5.22 1.26
C VAL B 323 -7.04 -6.03 0.05
N THR B 324 -5.73 -6.21 -0.10
CA THR B 324 -5.19 -7.06 -1.15
C THR B 324 -5.30 -8.51 -0.69
N ILE B 325 -6.13 -9.29 -1.38
CA ILE B 325 -6.33 -10.70 -1.08
C ILE B 325 -6.25 -11.46 -2.39
N ASP B 326 -5.45 -12.53 -2.42
CA ASP B 326 -5.28 -13.35 -3.62
C ASP B 326 -4.82 -12.50 -4.80
N TYR B 327 -3.98 -11.50 -4.52
CA TYR B 327 -3.36 -10.58 -5.48
C TYR B 327 -4.36 -9.60 -6.08
N THR B 328 -5.60 -9.57 -5.61
CA THR B 328 -6.59 -8.63 -6.11
C THR B 328 -7.07 -7.75 -4.97
N GLU B 329 -7.60 -6.58 -5.32
CA GLU B 329 -8.09 -5.61 -4.34
C GLU B 329 -9.53 -5.93 -3.99
N ILE B 330 -9.76 -6.38 -2.76
CA ILE B 330 -11.10 -6.69 -2.26
C ILE B 330 -11.59 -5.50 -1.45
N SER B 331 -12.71 -4.91 -1.85
CA SER B 331 -13.31 -3.82 -1.10
C SER B 331 -14.19 -4.35 0.01
N PHE B 332 -14.03 -3.80 1.21
CA PHE B 332 -14.88 -4.09 2.34
C PHE B 332 -15.65 -2.83 2.73
N MET B 333 -16.85 -3.02 3.26
CA MET B 333 -17.57 -1.94 3.94
C MET B 333 -17.34 -2.08 5.43
N LEU B 334 -16.92 -1.00 6.07
CA LEU B 334 -16.72 -0.96 7.51
C LEU B 334 -17.67 0.07 8.11
N TRP B 335 -18.57 -0.39 8.97
CA TRP B 335 -19.52 0.48 9.64
C TRP B 335 -19.20 0.53 11.14
N CYS B 336 -19.13 1.74 11.67
CA CYS B 336 -18.77 1.94 13.07
C CYS B 336 -19.74 2.92 13.72
N LYS B 337 -19.81 2.85 15.05
CA LYS B 337 -20.58 3.78 15.85
C LYS B 337 -19.89 3.89 17.20
N ASP B 338 -19.63 5.13 17.63
CA ASP B 338 -19.03 5.41 18.94
C ASP B 338 -17.74 4.63 19.16
N GLY B 339 -16.97 4.45 18.09
CA GLY B 339 -15.65 3.86 18.18
C GLY B 339 -15.59 2.35 18.14
N HIS B 340 -16.73 1.67 18.11
CA HIS B 340 -16.75 0.22 17.98
C HIS B 340 -17.33 -0.19 16.63
N VAL B 341 -17.00 -1.41 16.22
CA VAL B 341 -17.43 -1.94 14.93
C VAL B 341 -18.91 -2.32 15.01
N GLU B 342 -19.66 -1.97 13.97
CA GLU B 342 -21.03 -2.45 13.83
C GLU B 342 -21.06 -3.66 12.90
N THR B 343 -20.61 -3.49 11.66
CA THR B 343 -20.49 -4.59 10.72
C THR B 343 -19.24 -4.37 9.86
N PHE B 344 -18.86 -5.43 9.15
CA PHE B 344 -17.67 -5.40 8.30
C PHE B 344 -17.80 -6.56 7.32
N TYR B 345 -18.08 -6.25 6.05
CA TYR B 345 -18.40 -7.28 5.07
C TYR B 345 -17.76 -6.98 3.73
N PRO B 346 -17.38 -8.01 2.98
CA PRO B 346 -16.94 -7.80 1.59
C PRO B 346 -18.02 -7.07 0.80
N LYS B 347 -17.65 -5.89 0.28
CA LYS B 347 -18.64 -4.97 -0.23
C LYS B 347 -19.40 -5.54 -1.42
N LEU B 348 -20.73 -5.46 -1.36
CA LEU B 348 -21.60 -5.93 -2.44
C LEU B 348 -21.78 -4.79 -3.44
N GLN B 349 -21.11 -4.90 -4.58
CA GLN B 349 -21.05 -3.81 -5.55
C GLN B 349 -21.28 -4.29 -6.98
C10 RZG C . 8.25 29.82 3.53
C01 RZG C . 10.33 33.45 2.74
C03 RZG C . 10.21 31.11 2.62
C05 RZG C . 9.41 29.83 2.76
C06 RZG C . 9.83 28.67 2.13
C07 RZG C . 9.09 27.50 2.27
C08 RZG C . 7.95 27.50 3.04
C09 RZG C . 7.51 28.66 3.67
N14 RZG C . 7.79 24.67 2.49
O02 RZG C . 9.70 32.29 3.18
O04 RZG C . 11.23 31.12 2.02
O12 RZG C . 6.66 25.66 4.62
O13 RZG C . 5.64 26.16 2.65
S11 RZG C . 6.97 25.98 3.22
C10 RZG D . -16.34 -19.36 0.79
C01 RZG D . -19.63 -21.07 2.54
C03 RZG D . -17.64 -21.42 1.37
C05 RZG D . -16.34 -20.74 0.93
C06 RZG D . -15.21 -21.48 0.69
C07 RZG D . -14.05 -20.85 0.28
C08 RZG D . -14.03 -19.47 0.13
C09 RZG D . -15.17 -18.72 0.38
N14 RZG D . -11.18 -19.67 -0.27
O02 RZG D . -18.78 -20.65 1.52
O04 RZG D . -17.65 -22.59 1.59
O12 RZG D . -12.62 -18.08 -1.75
O13 RZG D . -12.34 -17.42 0.42
S11 RZG D . -12.52 -18.63 -0.39
#